data_3RME
#
_entry.id   3RME
#
_cell.length_a   63.558
_cell.length_b   89.482
_cell.length_c   126.480
_cell.angle_alpha   90.00
_cell.angle_beta   90.00
_cell.angle_gamma   90.00
#
_symmetry.space_group_name_H-M   'P 21 21 21'
#
loop_
_entity.id
_entity.type
_entity.pdbx_description
1 polymer 'Acidic mammalian chitinase'
2 non-polymer GLYCEROL
3 non-polymer N-ethyl-2-(4-methylpiperazin-1-yl)pyridine-3-carboxamide
4 water water
#
_entity_poly.entity_id   1
_entity_poly.type   'polypeptide(L)'
_entity_poly.pdbx_seq_one_letter_code
;YQLTCYFTNWAQYRPGLGRFMPDDINPCLCTHLIYAFAGMQNNEITTIEWNDVTLYQAFNGLKNKNSQLKTLLAIGGWNF
GTAPFTAMVSTPENRQTFITSVIKFLRQYEFDGLDFDWEYPGSRGSPPQDKHLFTVLVQEMREAFEQEAKQINKPRLMVT
AAVAAGISNIQSGYEIPQLSQYLDYIHVMTYDLHGSWEGYTGENSPLYKYPTDTGSNAYLNVDYVMNYWKDNGAPAEKLI
VGFPTYGHNFILSNPSNTGIGAPTSGAGPAGPYAKESGIWAYYEICTFLKNGATQGWDAPQEVPYAYQGNVWVGYDNVKS
FDIKAQWLKHNKFGGAMVWAIDLDDFTGTFCNQGKFPLISTLKKALGLQSASCTAPAQPIEPITAAPGSHHHHHH
;
_entity_poly.pdbx_strand_id   A,B
#
# COMPACT_ATOMS: atom_id res chain seq x y z
N TYR A 1 5.11 33.01 7.63
CA TYR A 1 5.32 31.66 7.02
C TYR A 1 4.41 30.62 7.63
N GLN A 2 3.98 29.66 6.82
CA GLN A 2 3.27 28.50 7.32
C GLN A 2 4.26 27.40 7.66
N LEU A 3 3.91 26.61 8.68
CA LEU A 3 4.62 25.38 8.99
C LEU A 3 3.58 24.27 9.02
N THR A 4 3.54 23.49 7.94
CA THR A 4 2.48 22.54 7.69
C THR A 4 3.04 21.12 7.86
N CYS A 5 2.40 20.32 8.70
CA CYS A 5 2.95 19.02 9.07
C CYS A 5 1.99 17.89 8.77
N TYR A 6 2.47 16.89 8.02
CA TYR A 6 1.66 15.71 7.70
C TYR A 6 1.71 14.70 8.84
N PHE A 7 0.53 14.20 9.20
CA PHE A 7 0.37 13.11 10.15
C PHE A 7 -0.14 11.90 9.37
N THR A 8 0.38 10.72 9.69
CA THR A 8 0.00 9.50 8.96
C THR A 8 -0.76 8.52 9.84
N ASN A 9 -1.89 8.03 9.34
CA ASN A 9 -2.79 7.16 10.11
C ASN A 9 -2.34 5.70 10.27
N TRP A 10 -1.16 5.37 9.76
CA TRP A 10 -0.56 4.05 9.94
C TRP A 10 0.59 4.06 10.96
N ALA A 11 0.97 5.25 11.40
CA ALA A 11 2.00 5.39 12.44
C ALA A 11 1.55 4.75 13.77
N GLN A 12 0.24 4.64 13.94
CA GLN A 12 -0.36 3.99 15.10
C GLN A 12 0.05 2.51 15.26
N TYR A 13 0.44 1.89 14.15
CA TYR A 13 0.76 0.46 14.14
C TYR A 13 2.24 0.13 14.43
N ARG A 14 3.05 1.17 14.60
CA ARG A 14 4.47 0.99 14.91
C ARG A 14 4.68 0.51 16.35
N PRO A 15 5.68 -0.37 16.58
CA PRO A 15 5.89 -0.95 17.90
C PRO A 15 6.52 0.03 18.90
N GLY A 16 6.25 -0.18 20.18
CA GLY A 16 6.89 0.56 21.27
C GLY A 16 6.95 2.06 21.08
N LEU A 17 8.16 2.61 21.18
CA LEU A 17 8.40 4.05 21.07
C LEU A 17 8.09 4.66 19.70
N GLY A 18 7.89 3.81 18.70
CA GLY A 18 7.54 4.26 17.36
C GLY A 18 6.07 4.61 17.19
N ARG A 19 5.23 4.09 18.08
CA ARG A 19 3.78 4.33 18.01
C ARG A 19 3.48 5.82 18.13
N PHE A 20 2.74 6.36 17.15
CA PHE A 20 2.41 7.78 17.13
C PHE A 20 0.93 8.02 16.82
N MET A 21 0.27 8.70 17.75
CA MET A 21 -1.16 8.97 17.70
C MET A 21 -1.38 10.49 17.61
N PRO A 22 -2.61 10.91 17.21
CA PRO A 22 -2.90 12.35 17.13
C PRO A 22 -2.58 13.12 18.41
N ASP A 23 -2.79 12.50 19.57
CA ASP A 23 -2.53 13.16 20.85
C ASP A 23 -1.04 13.31 21.19
N ASP A 24 -0.18 12.72 20.36
CA ASP A 24 1.27 12.87 20.49
C ASP A 24 1.78 14.13 19.78
N ILE A 25 0.89 14.78 19.04
CA ILE A 25 1.19 16.02 18.34
C ILE A 25 1.17 17.19 19.32
N ASN A 26 2.27 17.96 19.36
CA ASN A 26 2.28 19.24 20.05
C ASN A 26 1.45 20.22 19.22
N PRO A 27 0.31 20.69 19.77
CA PRO A 27 -0.58 21.56 19.01
C PRO A 27 0.00 22.94 18.71
N CYS A 28 1.09 23.28 19.38
CA CYS A 28 1.78 24.57 19.24
C CYS A 28 2.89 24.54 18.20
N LEU A 29 3.21 23.35 17.70
CA LEU A 29 4.40 23.16 16.88
C LEU A 29 4.21 23.65 15.45
N CYS A 30 3.15 23.18 14.79
CA CYS A 30 2.87 23.53 13.40
C CYS A 30 1.69 24.49 13.31
N THR A 31 1.61 25.23 12.20
CA THR A 31 0.48 26.12 11.93
C THR A 31 -0.67 25.37 11.29
N HIS A 32 -0.33 24.36 10.50
CA HIS A 32 -1.30 23.50 9.82
C HIS A 32 -0.94 22.04 10.00
N LEU A 33 -1.95 21.21 10.19
CA LEU A 33 -1.77 19.76 10.28
C LEU A 33 -2.58 19.07 9.19
N ILE A 34 -1.95 18.14 8.48
CA ILE A 34 -2.64 17.41 7.41
C ILE A 34 -2.71 15.91 7.72
N TYR A 35 -3.93 15.38 7.64
CA TYR A 35 -4.22 13.98 7.95
C TYR A 35 -4.12 13.11 6.70
N ALA A 36 -3.17 12.18 6.70
CA ALA A 36 -2.97 11.25 5.59
C ALA A 36 -3.38 9.85 6.03
N PHE A 37 -4.29 9.17 5.31
CA PHE A 37 -4.99 9.66 4.12
C PHE A 37 -6.49 9.35 4.19
N ALA A 38 -7.29 10.05 3.39
CA ALA A 38 -8.66 9.65 3.09
C ALA A 38 -8.69 8.87 1.76
N GLY A 39 -9.75 8.09 1.56
CA GLY A 39 -9.93 7.33 0.32
C GLY A 39 -11.15 7.79 -0.45
N MET A 40 -11.61 6.94 -1.37
CA MET A 40 -12.75 7.25 -2.20
C MET A 40 -13.53 5.99 -2.54
N GLN A 41 -14.86 6.09 -2.47
CA GLN A 41 -15.77 5.03 -2.88
C GLN A 41 -16.97 5.64 -3.58
N ASN A 42 -17.26 5.14 -4.79
CA ASN A 42 -18.37 5.65 -5.61
C ASN A 42 -18.34 7.19 -5.76
N ASN A 43 -17.14 7.70 -6.03
CA ASN A 43 -16.90 9.13 -6.24
C ASN A 43 -17.14 10.00 -5.01
N GLU A 44 -17.10 9.37 -3.83
CA GLU A 44 -17.28 10.09 -2.57
C GLU A 44 -16.12 9.80 -1.63
N ILE A 45 -15.74 10.82 -0.86
CA ILE A 45 -14.61 10.70 0.07
C ILE A 45 -14.97 9.75 1.24
N THR A 46 -13.99 8.97 1.68
CA THR A 46 -14.18 7.99 2.75
C THR A 46 -12.97 7.91 3.67
N THR A 47 -13.16 7.25 4.82
CA THR A 47 -12.06 6.85 5.69
C THR A 47 -11.28 5.71 5.02
N ILE A 48 -10.14 5.33 5.60
CA ILE A 48 -9.44 4.12 5.15
C ILE A 48 -9.08 3.16 6.29
N GLU A 49 -8.74 3.70 7.45
CA GLU A 49 -8.46 2.88 8.62
C GLU A 49 -9.72 2.72 9.48
N TRP A 50 -9.82 1.57 10.14
CA TRP A 50 -11.02 1.20 10.92
C TRP A 50 -11.38 2.25 11.98
N ASN A 51 -10.36 2.90 12.53
CA ASN A 51 -10.55 3.86 13.63
C ASN A 51 -10.33 5.32 13.23
N ASP A 52 -10.45 5.62 11.94
CA ASP A 52 -10.24 6.99 11.45
C ASP A 52 -11.15 8.02 12.10
N VAL A 53 -12.41 7.66 12.35
CA VAL A 53 -13.37 8.60 12.98
C VAL A 53 -12.89 9.03 14.37
N THR A 54 -12.48 8.04 15.18
CA THR A 54 -11.89 8.30 16.50
C THR A 54 -10.62 9.16 16.38
N LEU A 55 -9.77 8.82 15.40
CA LEU A 55 -8.54 9.58 15.19
C LEU A 55 -8.79 11.01 14.71
N TYR A 56 -9.80 11.20 13.84
CA TYR A 56 -10.22 12.53 13.38
C TYR A 56 -10.59 13.42 14.58
N GLN A 57 -11.36 12.85 15.49
CA GLN A 57 -11.83 13.55 16.69
C GLN A 57 -10.66 14.02 17.56
N ALA A 58 -9.67 13.16 17.75
CA ALA A 58 -8.47 13.50 18.52
C ALA A 58 -7.61 14.51 17.77
N PHE A 59 -7.52 14.32 16.45
CA PHE A 59 -6.70 15.17 15.57
C PHE A 59 -7.24 16.59 15.52
N ASN A 60 -8.51 16.72 15.18
CA ASN A 60 -9.16 18.03 15.13
C ASN A 60 -9.42 18.62 16.52
N GLY A 61 -9.43 17.74 17.53
CA GLY A 61 -9.50 18.16 18.93
C GLY A 61 -8.28 18.94 19.40
N LEU A 62 -7.17 18.82 18.65
CA LEU A 62 -5.96 19.59 18.97
C LEU A 62 -6.19 21.09 18.82
N LYS A 63 -7.19 21.46 18.02
CA LYS A 63 -7.57 22.86 17.83
C LYS A 63 -8.20 23.47 19.08
N ASN A 64 -8.65 22.61 20.00
CA ASN A 64 -9.13 23.05 21.30
C ASN A 64 -8.00 23.51 22.23
N LYS A 65 -6.76 23.28 21.81
CA LYS A 65 -5.57 23.66 22.57
C LYS A 65 -4.79 24.78 21.88
N ASN A 66 -5.12 25.05 20.62
CA ASN A 66 -4.51 26.14 19.85
C ASN A 66 -5.56 26.77 18.94
N SER A 67 -5.98 27.98 19.29
CA SER A 67 -7.04 28.72 18.61
C SER A 67 -6.74 29.06 17.15
N GLN A 68 -5.46 29.05 16.78
CA GLN A 68 -5.02 29.45 15.44
C GLN A 68 -4.77 28.24 14.53
N LEU A 69 -4.68 27.05 15.13
CA LEU A 69 -4.35 25.82 14.40
C LEU A 69 -5.43 25.45 13.37
N LYS A 70 -4.99 25.09 12.17
CA LYS A 70 -5.90 24.63 11.13
C LYS A 70 -5.53 23.21 10.71
N THR A 71 -6.55 22.42 10.35
CA THR A 71 -6.35 21.04 9.94
C THR A 71 -6.88 20.78 8.54
N LEU A 72 -6.23 19.87 7.83
CA LEU A 72 -6.69 19.45 6.51
C LEU A 72 -6.67 17.94 6.40
N LEU A 73 -7.53 17.41 5.54
CA LEU A 73 -7.58 16.00 5.24
C LEU A 73 -6.98 15.77 3.85
N ALA A 74 -5.97 14.91 3.78
CA ALA A 74 -5.34 14.58 2.49
C ALA A 74 -6.02 13.35 1.89
N ILE A 75 -6.52 13.50 0.67
CA ILE A 75 -7.10 12.37 -0.06
C ILE A 75 -6.12 11.82 -1.10
N GLY A 76 -5.95 10.50 -1.11
CA GLY A 76 -5.13 9.86 -2.14
C GLY A 76 -3.84 9.26 -1.60
N GLY A 77 -2.72 9.72 -2.15
CA GLY A 77 -1.41 9.18 -1.79
C GLY A 77 -0.92 8.20 -2.85
N TRP A 78 0.31 7.70 -2.65
CA TRP A 78 0.97 6.84 -3.62
C TRP A 78 0.20 5.55 -3.94
N ASN A 79 -0.07 4.75 -2.90
CA ASN A 79 -0.75 3.46 -3.08
C ASN A 79 -2.18 3.59 -3.64
N PHE A 80 -2.85 4.69 -3.29
CA PHE A 80 -4.19 4.99 -3.81
C PHE A 80 -4.19 5.02 -5.34
N GLY A 81 -3.11 5.53 -5.92
CA GLY A 81 -2.96 5.59 -7.37
C GLY A 81 -3.86 6.64 -8.01
N THR A 82 -4.10 6.48 -9.31
CA THR A 82 -4.80 7.50 -10.09
C THR A 82 -6.21 7.10 -10.52
N ALA A 83 -6.51 5.80 -10.53
CA ALA A 83 -7.76 5.29 -11.09
C ALA A 83 -9.03 5.97 -10.55
N PRO A 84 -9.20 6.07 -9.21
CA PRO A 84 -10.42 6.70 -8.71
C PRO A 84 -10.48 8.20 -9.02
N PHE A 85 -9.33 8.87 -9.06
CA PHE A 85 -9.27 10.28 -9.44
C PHE A 85 -9.70 10.48 -10.90
N THR A 86 -9.11 9.70 -11.81
CA THR A 86 -9.47 9.73 -13.22
C THR A 86 -10.98 9.55 -13.44
N ALA A 87 -11.55 8.54 -12.78
CA ALA A 87 -12.97 8.25 -12.91
C ALA A 87 -13.86 9.38 -12.37
N MET A 88 -13.42 9.97 -11.26
CA MET A 88 -14.17 11.04 -10.60
C MET A 88 -14.19 12.34 -11.41
N VAL A 89 -13.05 12.70 -12.01
CA VAL A 89 -12.99 13.93 -12.82
C VAL A 89 -13.55 13.75 -14.24
N SER A 90 -13.74 12.49 -14.64
CA SER A 90 -14.14 12.15 -16.01
C SER A 90 -15.47 12.77 -16.47
N THR A 91 -16.39 13.02 -15.53
CA THR A 91 -17.66 13.68 -15.85
C THR A 91 -17.97 14.79 -14.83
N PRO A 92 -18.68 15.85 -15.27
CA PRO A 92 -19.11 16.89 -14.34
C PRO A 92 -19.96 16.34 -13.19
N GLU A 93 -20.80 15.34 -13.50
CA GLU A 93 -21.67 14.72 -12.49
C GLU A 93 -20.88 14.06 -11.37
N ASN A 94 -19.82 13.32 -11.73
CA ASN A 94 -18.94 12.68 -10.77
C ASN A 94 -18.18 13.69 -9.91
N ARG A 95 -17.75 14.80 -10.52
CA ARG A 95 -17.07 15.87 -9.78
C ARG A 95 -18.00 16.51 -8.76
N GLN A 96 -19.24 16.79 -9.17
CA GLN A 96 -20.23 17.35 -8.27
C GLN A 96 -20.53 16.43 -7.09
N THR A 97 -20.71 15.13 -7.38
CA THR A 97 -20.90 14.10 -6.37
C THR A 97 -19.76 14.13 -5.34
N PHE A 98 -18.53 14.23 -5.84
CA PHE A 98 -17.34 14.28 -4.99
C PHE A 98 -17.27 15.54 -4.13
N ILE A 99 -17.44 16.70 -4.77
CA ILE A 99 -17.37 17.98 -4.07
C ILE A 99 -18.42 18.06 -2.96
N THR A 100 -19.66 17.69 -3.27
CA THR A 100 -20.73 17.62 -2.28
C THR A 100 -20.34 16.73 -1.09
N SER A 101 -19.77 15.56 -1.38
CA SER A 101 -19.34 14.62 -0.34
C SER A 101 -18.23 15.18 0.53
N VAL A 102 -17.29 15.91 -0.09
CA VAL A 102 -16.17 16.51 0.62
C VAL A 102 -16.65 17.60 1.60
N ILE A 103 -17.50 18.51 1.14
CA ILE A 103 -18.05 19.55 2.01
C ILE A 103 -18.71 18.92 3.25
N LYS A 104 -19.57 17.93 3.02
CA LYS A 104 -20.27 17.22 4.10
C LYS A 104 -19.29 16.54 5.07
N PHE A 105 -18.30 15.86 4.52
CA PHE A 105 -17.31 15.10 5.29
C PHE A 105 -16.43 16.00 6.16
N LEU A 106 -15.89 17.06 5.56
CA LEU A 106 -15.02 17.99 6.29
C LEU A 106 -15.76 18.73 7.40
N ARG A 107 -17.00 19.13 7.12
CA ARG A 107 -17.82 19.81 8.13
C ARG A 107 -18.21 18.85 9.26
N GLN A 108 -18.57 17.62 8.91
CA GLN A 108 -18.96 16.61 9.90
C GLN A 108 -17.83 16.30 10.89
N TYR A 109 -16.62 16.11 10.38
CA TYR A 109 -15.48 15.68 11.20
C TYR A 109 -14.58 16.82 11.63
N GLU A 110 -14.94 18.03 11.22
CA GLU A 110 -14.35 19.28 11.70
C GLU A 110 -12.92 19.52 11.19
N PHE A 111 -12.73 19.28 9.89
CA PHE A 111 -11.51 19.63 9.17
C PHE A 111 -11.69 21.02 8.55
N ASP A 112 -10.59 21.75 8.41
CA ASP A 112 -10.63 23.10 7.85
C ASP A 112 -10.36 23.13 6.34
N GLY A 113 -10.11 21.96 5.76
CA GLY A 113 -9.88 21.91 4.32
C GLY A 113 -9.48 20.55 3.77
N LEU A 114 -9.27 20.51 2.46
CA LEU A 114 -8.86 19.29 1.76
C LEU A 114 -7.51 19.48 1.08
N ASP A 115 -6.63 18.49 1.22
CA ASP A 115 -5.36 18.44 0.51
C ASP A 115 -5.46 17.34 -0.55
N PHE A 116 -5.34 17.71 -1.81
CA PHE A 116 -5.35 16.73 -2.91
C PHE A 116 -3.96 16.09 -3.02
N ASP A 117 -3.91 14.77 -2.86
CA ASP A 117 -2.66 14.02 -3.03
C ASP A 117 -2.79 13.03 -4.18
N TRP A 118 -3.17 13.56 -5.35
CA TRP A 118 -3.29 12.79 -6.57
C TRP A 118 -1.90 12.65 -7.17
N GLU A 119 -1.39 11.42 -7.20
CA GLU A 119 -0.05 11.14 -7.69
C GLU A 119 -0.10 10.23 -8.92
N TYR A 120 -0.15 10.78 -10.13
CA TYR A 120 -0.24 12.22 -10.42
C TYR A 120 -1.18 12.40 -11.63
N PRO A 121 -1.78 13.60 -11.80
CA PRO A 121 -2.51 13.81 -13.06
C PRO A 121 -1.59 13.62 -14.27
N GLY A 122 -2.06 12.93 -15.28
CA GLY A 122 -1.29 12.72 -16.52
C GLY A 122 -0.19 11.68 -16.45
N SER A 123 -0.03 11.01 -15.31
CA SER A 123 0.94 9.92 -15.19
C SER A 123 0.45 8.80 -14.27
N ARG A 124 1.23 7.72 -14.17
CA ARG A 124 0.86 6.53 -13.40
C ARG A 124 -0.55 6.02 -13.77
N GLY A 125 -0.83 5.97 -15.06
CA GLY A 125 -2.11 5.45 -15.56
C GLY A 125 -3.13 6.52 -15.90
N SER A 126 -2.94 7.72 -15.37
CA SER A 126 -3.84 8.84 -15.62
C SER A 126 -3.63 9.39 -17.03
N PRO A 127 -4.71 9.44 -17.84
CA PRO A 127 -4.65 9.89 -19.23
C PRO A 127 -4.38 11.40 -19.37
N PRO A 128 -3.95 11.86 -20.56
CA PRO A 128 -3.54 13.26 -20.81
C PRO A 128 -4.58 14.32 -20.45
N GLN A 129 -5.87 14.00 -20.60
CA GLN A 129 -6.96 14.95 -20.32
C GLN A 129 -7.07 15.33 -18.85
N ASP A 130 -6.50 14.50 -17.97
CA ASP A 130 -6.55 14.73 -16.53
C ASP A 130 -5.74 15.94 -16.06
N LYS A 131 -4.76 16.35 -16.86
CA LYS A 131 -3.99 17.57 -16.58
C LYS A 131 -4.94 18.76 -16.47
N HIS A 132 -5.75 18.97 -17.50
CA HIS A 132 -6.75 20.05 -17.48
C HIS A 132 -7.91 19.75 -16.53
N LEU A 133 -8.34 18.50 -16.49
CA LEU A 133 -9.47 18.13 -15.62
C LEU A 133 -9.16 18.31 -14.13
N PHE A 134 -7.88 18.18 -13.76
CA PHE A 134 -7.45 18.49 -12.40
C PHE A 134 -7.64 19.99 -12.08
N THR A 135 -7.29 20.85 -13.04
CA THR A 135 -7.50 22.29 -12.89
C THR A 135 -8.98 22.58 -12.68
N VAL A 136 -9.81 21.97 -13.53
CA VAL A 136 -11.26 22.11 -13.47
C VAL A 136 -11.79 21.70 -12.09
N LEU A 137 -11.36 20.52 -11.63
CA LEU A 137 -11.74 19.99 -10.32
C LEU A 137 -11.41 20.96 -9.18
N VAL A 138 -10.17 21.45 -9.17
CA VAL A 138 -9.70 22.37 -8.13
C VAL A 138 -10.51 23.68 -8.16
N GLN A 139 -10.70 24.25 -9.34
CA GLN A 139 -11.51 25.47 -9.47
C GLN A 139 -12.93 25.26 -8.96
N GLU A 140 -13.54 24.14 -9.37
CA GLU A 140 -14.90 23.82 -8.94
C GLU A 140 -15.02 23.63 -7.43
N MET A 141 -14.00 22.99 -6.84
CA MET A 141 -13.94 22.80 -5.39
CA MET A 141 -13.97 22.81 -5.39
C MET A 141 -13.81 24.15 -4.68
N ARG A 142 -12.86 24.97 -5.16
CA ARG A 142 -12.63 26.30 -4.60
C ARG A 142 -13.92 27.12 -4.60
N GLU A 143 -14.60 27.15 -5.74
CA GLU A 143 -15.83 27.92 -5.89
C GLU A 143 -16.98 27.36 -5.05
N ALA A 144 -17.05 26.03 -4.93
CA ALA A 144 -18.02 25.37 -4.06
C ALA A 144 -17.77 25.70 -2.59
N PHE A 145 -16.49 25.71 -2.20
CA PHE A 145 -16.10 26.11 -0.85
C PHE A 145 -16.48 27.57 -0.56
N GLU A 146 -16.23 28.45 -1.53
CA GLU A 146 -16.60 29.87 -1.40
C GLU A 146 -18.10 30.05 -1.20
N GLN A 147 -18.90 29.33 -1.99
CA GLN A 147 -20.36 29.39 -1.89
C GLN A 147 -20.87 28.86 -0.56
N GLU A 148 -20.33 27.71 -0.14
CA GLU A 148 -20.71 27.07 1.13
C GLU A 148 -20.42 27.97 2.33
N ALA A 149 -19.26 28.63 2.31
CA ALA A 149 -18.85 29.51 3.40
C ALA A 149 -19.89 30.60 3.68
N LYS A 150 -20.45 31.16 2.60
CA LYS A 150 -21.45 32.22 2.72
C LYS A 150 -22.84 31.71 3.12
N GLN A 151 -23.18 30.50 2.71
CA GLN A 151 -24.49 29.93 3.06
C GLN A 151 -24.59 29.56 4.54
N ILE A 152 -23.50 29.06 5.12
CA ILE A 152 -23.48 28.69 6.54
C ILE A 152 -22.81 29.74 7.45
N ASN A 153 -22.29 30.80 6.84
CA ASN A 153 -21.65 31.91 7.57
C ASN A 153 -20.51 31.44 8.49
N LYS A 154 -19.58 30.69 7.91
CA LYS A 154 -18.37 30.24 8.60
C LYS A 154 -17.17 30.47 7.68
N PRO A 155 -15.95 30.56 8.26
CA PRO A 155 -14.76 30.63 7.41
C PRO A 155 -14.73 29.56 6.32
N ARG A 156 -14.27 29.95 5.14
CA ARG A 156 -14.18 29.08 3.98
C ARG A 156 -13.23 27.91 4.21
N LEU A 157 -13.65 26.72 3.77
CA LEU A 157 -12.76 25.55 3.72
C LEU A 157 -11.61 25.79 2.75
N MET A 158 -10.42 25.31 3.12
CA MET A 158 -9.24 25.44 2.26
C MET A 158 -9.12 24.29 1.28
N VAL A 159 -8.53 24.59 0.12
CA VAL A 159 -8.17 23.55 -0.84
C VAL A 159 -6.69 23.70 -1.21
N THR A 160 -5.94 22.62 -0.96
CA THR A 160 -4.51 22.60 -1.20
C THR A 160 -4.18 21.33 -2.00
N ALA A 161 -2.93 21.20 -2.44
CA ALA A 161 -2.50 20.00 -3.15
C ALA A 161 -1.05 19.69 -2.90
N ALA A 162 -0.75 18.41 -2.71
CA ALA A 162 0.62 17.93 -2.76
C ALA A 162 0.94 17.68 -4.24
N VAL A 163 2.05 18.24 -4.72
CA VAL A 163 2.36 18.24 -6.15
C VAL A 163 3.76 17.70 -6.47
N ALA A 164 3.92 17.25 -7.72
CA ALA A 164 5.13 16.57 -8.15
C ALA A 164 6.37 17.46 -8.15
N ALA A 165 7.52 16.82 -7.91
CA ALA A 165 8.82 17.46 -7.99
C ALA A 165 9.58 17.07 -9.26
N GLY A 166 9.21 15.94 -9.86
CA GLY A 166 9.82 15.47 -11.10
C GLY A 166 9.35 16.31 -12.28
N ILE A 167 10.30 16.82 -13.06
CA ILE A 167 9.97 17.78 -14.13
C ILE A 167 9.03 17.19 -15.18
N SER A 168 9.27 15.94 -15.58
CA SER A 168 8.39 15.22 -16.50
C SER A 168 6.96 15.13 -15.94
N ASN A 169 6.85 14.75 -14.67
CA ASN A 169 5.56 14.65 -13.98
C ASN A 169 4.85 16.00 -13.88
N ILE A 170 5.61 17.06 -13.61
CA ILE A 170 5.06 18.42 -13.56
C ILE A 170 4.49 18.84 -14.92
N GLN A 171 5.28 18.63 -15.97
CA GLN A 171 4.90 19.04 -17.33
C GLN A 171 3.66 18.33 -17.85
N SER A 172 3.49 17.06 -17.52
CA SER A 172 2.34 16.29 -17.95
C SER A 172 1.15 16.37 -16.98
N GLY A 173 1.38 16.98 -15.82
CA GLY A 173 0.40 16.95 -14.74
C GLY A 173 -0.37 18.21 -14.40
N TYR A 174 0.24 19.37 -14.62
CA TYR A 174 -0.31 20.62 -14.09
C TYR A 174 -0.32 21.79 -15.06
N GLU A 175 -1.45 22.49 -15.09
CA GLU A 175 -1.55 23.79 -15.74
C GLU A 175 -1.26 24.80 -14.63
N ILE A 176 0.03 25.09 -14.46
CA ILE A 176 0.52 25.80 -13.26
C ILE A 176 -0.14 27.17 -12.98
N PRO A 177 -0.15 28.09 -13.97
CA PRO A 177 -0.74 29.40 -13.69
C PRO A 177 -2.22 29.33 -13.30
N GLN A 178 -2.99 28.52 -14.03
CA GLN A 178 -4.43 28.36 -13.79
C GLN A 178 -4.70 27.67 -12.46
N LEU A 179 -3.99 26.57 -12.21
CA LEU A 179 -4.13 25.82 -10.97
C LEU A 179 -3.77 26.66 -9.73
N SER A 180 -2.70 27.44 -9.84
CA SER A 180 -2.23 28.28 -8.73
C SER A 180 -3.24 29.33 -8.26
N GLN A 181 -4.13 29.73 -9.17
CA GLN A 181 -5.15 30.73 -8.89
C GLN A 181 -6.16 30.23 -7.83
N TYR A 182 -6.48 28.94 -7.88
CA TYR A 182 -7.57 28.38 -7.07
C TYR A 182 -7.10 27.59 -5.83
N LEU A 183 -5.86 27.12 -5.86
CA LEU A 183 -5.27 26.47 -4.69
C LEU A 183 -4.88 27.51 -3.65
N ASP A 184 -5.15 27.21 -2.37
CA ASP A 184 -4.70 28.08 -1.28
C ASP A 184 -3.20 27.92 -1.04
N TYR A 185 -2.72 26.68 -1.05
CA TYR A 185 -1.31 26.36 -0.89
C TYR A 185 -0.90 25.26 -1.84
N ILE A 186 0.35 25.32 -2.27
CA ILE A 186 0.92 24.32 -3.16
C ILE A 186 2.07 23.63 -2.40
N HIS A 187 1.82 22.39 -2.01
CA HIS A 187 2.77 21.61 -1.20
C HIS A 187 3.68 20.81 -2.12
N VAL A 188 4.88 21.35 -2.40
CA VAL A 188 5.77 20.73 -3.37
C VAL A 188 6.58 19.61 -2.71
N MET A 189 6.50 18.42 -3.29
CA MET A 189 7.13 17.22 -2.74
C MET A 189 8.62 17.18 -3.06
N THR A 190 9.36 18.16 -2.53
CA THR A 190 10.80 18.31 -2.79
C THR A 190 11.63 17.36 -1.92
N TYR A 191 11.43 16.07 -2.17
CA TYR A 191 12.16 14.99 -1.53
C TYR A 191 11.95 13.73 -2.35
N ASP A 192 12.48 12.59 -1.90
CA ASP A 192 12.54 11.38 -2.71
C ASP A 192 13.18 11.68 -4.08
N LEU A 193 14.12 12.63 -4.08
CA LEU A 193 14.75 13.10 -5.31
C LEU A 193 15.84 12.15 -5.80
N HIS A 194 16.30 11.28 -4.91
CA HIS A 194 17.19 10.17 -5.24
C HIS A 194 16.77 8.95 -4.45
N GLY A 195 17.19 7.78 -4.92
CA GLY A 195 16.89 6.52 -4.23
C GLY A 195 17.59 5.35 -4.86
N SER A 196 17.49 4.19 -4.21
CA SER A 196 18.22 2.98 -4.62
C SER A 196 17.89 2.50 -6.04
N TRP A 197 16.72 2.89 -6.54
N TRP A 197 16.73 2.86 -6.55
CA TRP A 197 16.27 2.58 -7.89
CA TRP A 197 16.35 2.48 -7.92
C TRP A 197 17.22 3.10 -8.98
C TRP A 197 17.33 3.00 -8.97
N GLU A 198 18.06 4.06 -8.61
CA GLU A 198 19.03 4.68 -9.52
C GLU A 198 20.35 3.91 -9.64
N GLY A 199 20.63 3.04 -8.67
CA GLY A 199 21.84 2.21 -8.69
C GLY A 199 23.08 2.86 -8.12
N TYR A 200 22.91 4.05 -7.54
CA TYR A 200 24.00 4.75 -6.85
C TYR A 200 23.48 5.60 -5.70
N THR A 201 24.36 5.95 -4.78
CA THR A 201 24.00 6.81 -3.65
C THR A 201 23.60 8.20 -4.15
N GLY A 202 22.61 8.77 -3.47
CA GLY A 202 22.15 10.12 -3.76
C GLY A 202 21.31 10.61 -2.60
N GLU A 203 21.23 11.93 -2.47
CA GLU A 203 20.53 12.53 -1.34
C GLU A 203 19.02 12.58 -1.54
N ASN A 204 18.31 12.38 -0.43
CA ASN A 204 16.85 12.40 -0.42
C ASN A 204 16.29 13.77 -0.84
N SER A 205 16.86 14.83 -0.29
CA SER A 205 16.38 16.18 -0.50
C SER A 205 17.53 17.18 -0.49
N PRO A 206 18.43 17.10 -1.50
CA PRO A 206 19.53 18.05 -1.55
C PRO A 206 19.04 19.44 -1.92
N LEU A 207 19.61 20.47 -1.30
CA LEU A 207 19.18 21.84 -1.59
C LEU A 207 19.64 22.28 -2.97
N TYR A 208 20.89 21.97 -3.29
CA TYR A 208 21.49 22.33 -4.57
C TYR A 208 21.95 21.08 -5.30
N LYS A 209 22.34 21.25 -6.57
CA LYS A 209 22.88 20.11 -7.32
C LYS A 209 24.28 19.74 -6.83
N TYR A 210 24.64 18.48 -7.02
CA TYR A 210 26.01 18.02 -6.82
C TYR A 210 26.76 18.31 -8.11
N PRO A 211 28.07 18.67 -8.02
CA PRO A 211 28.85 18.97 -9.22
C PRO A 211 28.68 17.99 -10.38
N THR A 212 28.58 16.69 -10.08
CA THR A 212 28.47 15.67 -11.12
C THR A 212 27.07 15.55 -11.74
N ASP A 213 26.09 16.22 -11.16
CA ASP A 213 24.72 16.24 -11.70
C ASP A 213 24.69 16.94 -13.06
N THR A 214 24.63 16.14 -14.12
CA THR A 214 24.57 16.67 -15.49
C THR A 214 23.20 16.42 -16.10
N GLY A 215 22.87 17.21 -17.13
CA GLY A 215 21.62 17.02 -17.86
C GLY A 215 20.41 17.11 -16.97
N SER A 216 19.51 16.12 -17.09
CA SER A 216 18.27 16.09 -16.31
C SER A 216 18.49 15.81 -14.82
N ASN A 217 19.65 15.23 -14.48
CA ASN A 217 20.01 15.02 -13.08
C ASN A 217 20.20 16.33 -12.32
N ALA A 218 20.47 17.40 -13.07
CA ALA A 218 20.60 18.75 -12.49
C ALA A 218 19.27 19.31 -11.98
N TYR A 219 18.18 18.59 -12.23
CA TYR A 219 16.85 19.00 -11.77
C TYR A 219 16.51 18.43 -10.40
N LEU A 220 17.30 17.45 -9.95
CA LEU A 220 17.00 16.70 -8.74
C LEU A 220 17.53 17.38 -7.46
N ASN A 221 17.03 18.59 -7.22
CA ASN A 221 17.36 19.34 -6.01
C ASN A 221 16.24 20.33 -5.68
N VAL A 222 16.17 20.70 -4.40
CA VAL A 222 15.09 21.57 -3.91
C VAL A 222 15.05 22.92 -4.64
N ASP A 223 16.21 23.54 -4.81
CA ASP A 223 16.30 24.85 -5.46
C ASP A 223 15.72 24.85 -6.86
N TYR A 224 16.13 23.89 -7.70
CA TYR A 224 15.64 23.83 -9.08
C TYR A 224 14.12 23.63 -9.13
N VAL A 225 13.62 22.69 -8.34
CA VAL A 225 12.21 22.33 -8.35
C VAL A 225 11.31 23.49 -7.92
N MET A 226 11.67 24.14 -6.81
CA MET A 226 10.87 25.27 -6.31
C MET A 226 10.86 26.43 -7.30
N ASN A 227 12.02 26.72 -7.87
CA ASN A 227 12.14 27.76 -8.89
C ASN A 227 11.44 27.40 -10.19
N TYR A 228 11.40 26.12 -10.54
CA TYR A 228 10.65 25.68 -11.72
C TYR A 228 9.16 26.01 -11.56
N TRP A 229 8.60 25.64 -10.41
CA TRP A 229 7.20 25.96 -10.11
C TRP A 229 6.93 27.46 -10.17
N LYS A 230 7.82 28.24 -9.56
CA LYS A 230 7.71 29.70 -9.52
C LYS A 230 7.80 30.31 -10.92
N ASP A 231 8.84 29.93 -11.67
CA ASP A 231 9.10 30.49 -12.99
C ASP A 231 8.03 30.13 -14.02
N ASN A 232 7.31 29.04 -13.76
CA ASN A 232 6.26 28.59 -14.68
C ASN A 232 4.84 28.89 -14.23
N GLY A 233 4.70 29.82 -13.29
CA GLY A 233 3.40 30.42 -13.01
C GLY A 233 2.87 30.42 -11.60
N ALA A 234 3.54 29.71 -10.68
CA ALA A 234 3.08 29.65 -9.29
C ALA A 234 3.66 30.80 -8.47
N PRO A 235 2.79 31.58 -7.80
CA PRO A 235 3.30 32.66 -6.96
C PRO A 235 4.12 32.11 -5.80
N ALA A 236 5.27 32.73 -5.53
CA ALA A 236 6.15 32.30 -4.45
C ALA A 236 5.40 32.14 -3.12
N GLU A 237 4.50 33.08 -2.85
CA GLU A 237 3.77 33.13 -1.58
C GLU A 237 2.80 31.96 -1.36
N LYS A 238 2.43 31.27 -2.44
CA LYS A 238 1.56 30.09 -2.34
C LYS A 238 2.37 28.79 -2.31
N LEU A 239 3.64 28.88 -2.69
CA LEU A 239 4.51 27.72 -2.74
C LEU A 239 5.07 27.35 -1.38
N ILE A 240 4.87 26.08 -1.02
CA ILE A 240 5.31 25.53 0.25
C ILE A 240 6.38 24.47 0.00
N VAL A 241 7.56 24.68 0.58
CA VAL A 241 8.71 23.79 0.38
C VAL A 241 8.57 22.50 1.22
N GLY A 242 8.77 21.35 0.57
CA GLY A 242 8.75 20.05 1.26
C GLY A 242 10.02 19.72 2.03
N PHE A 243 9.85 19.39 3.30
CA PHE A 243 10.94 19.02 4.21
C PHE A 243 10.74 17.59 4.73
N PRO A 244 11.72 16.71 4.51
CA PRO A 244 11.63 15.33 4.98
C PRO A 244 12.24 15.09 6.38
N THR A 245 11.47 14.49 7.27
CA THR A 245 12.02 14.05 8.56
C THR A 245 12.40 12.56 8.50
N TYR A 246 12.89 12.16 7.34
CA TYR A 246 13.35 10.81 7.07
C TYR A 246 14.43 10.87 6.00
N GLY A 247 15.13 9.75 5.81
CA GLY A 247 16.12 9.64 4.75
C GLY A 247 15.95 8.37 3.95
N HIS A 248 16.66 8.29 2.83
CA HIS A 248 16.71 7.06 2.03
C HIS A 248 18.06 6.38 2.23
N ASN A 249 18.02 5.07 2.47
CA ASN A 249 19.24 4.29 2.62
C ASN A 249 19.50 3.31 1.45
N PHE A 250 20.73 2.81 1.40
CA PHE A 250 21.25 2.06 0.26
C PHE A 250 22.15 0.96 0.76
N ILE A 251 22.32 -0.08 -0.05
CA ILE A 251 23.40 -1.05 0.16
C ILE A 251 24.55 -0.73 -0.79
N LEU A 252 25.69 -0.35 -0.22
CA LEU A 252 26.89 -0.02 -1.01
C LEU A 252 27.47 -1.27 -1.68
N SER A 253 27.75 -1.16 -2.97
CA SER A 253 28.40 -2.24 -3.73
C SER A 253 29.85 -2.43 -3.29
N ASN A 254 30.49 -1.31 -2.92
CA ASN A 254 31.84 -1.32 -2.38
C ASN A 254 31.90 -0.40 -1.15
N PRO A 255 32.08 -1.00 0.04
CA PRO A 255 32.17 -0.25 1.31
C PRO A 255 33.30 0.78 1.37
N SER A 256 34.25 0.68 0.43
CA SER A 256 35.35 1.62 0.33
C SER A 256 34.96 2.90 -0.42
N ASN A 257 33.88 2.82 -1.19
CA ASN A 257 33.32 3.99 -1.89
C ASN A 257 32.06 4.45 -1.18
N THR A 258 32.15 5.59 -0.49
CA THR A 258 31.08 6.06 0.40
C THR A 258 30.61 7.48 0.08
N GLY A 259 31.02 8.00 -1.08
CA GLY A 259 30.65 9.35 -1.50
C GLY A 259 29.32 9.38 -2.24
N ILE A 260 28.94 10.58 -2.68
CA ILE A 260 27.74 10.78 -3.50
C ILE A 260 27.97 10.19 -4.89
N GLY A 261 27.07 9.29 -5.31
CA GLY A 261 27.18 8.65 -6.61
C GLY A 261 27.94 7.33 -6.57
N ALA A 262 28.18 6.81 -5.36
CA ALA A 262 28.82 5.51 -5.17
C ALA A 262 27.86 4.40 -5.59
N PRO A 263 28.35 3.39 -6.32
CA PRO A 263 27.50 2.28 -6.78
C PRO A 263 26.81 1.54 -5.64
N THR A 264 25.53 1.22 -5.84
CA THR A 264 24.74 0.49 -4.84
C THR A 264 24.07 -0.73 -5.46
N SER A 265 23.72 -1.71 -4.61
CA SER A 265 23.13 -2.98 -5.06
C SER A 265 21.62 -3.06 -4.81
N GLY A 266 21.11 -2.14 -4.00
CA GLY A 266 19.68 -2.10 -3.69
C GLY A 266 19.35 -1.17 -2.55
N ALA A 267 18.11 -1.25 -2.09
CA ALA A 267 17.62 -0.44 -0.98
C ALA A 267 18.29 -0.89 0.32
N GLY A 268 18.49 0.06 1.23
CA GLY A 268 19.01 -0.26 2.56
C GLY A 268 17.93 -0.91 3.42
N PRO A 269 18.33 -1.43 4.59
CA PRO A 269 17.43 -2.20 5.45
C PRO A 269 16.30 -1.35 6.02
N ALA A 270 15.13 -1.96 6.17
CA ALA A 270 14.03 -1.33 6.87
C ALA A 270 14.44 -1.05 8.32
N GLY A 271 13.91 0.03 8.88
CA GLY A 271 14.14 0.37 10.27
C GLY A 271 13.30 -0.49 11.20
N PRO A 272 13.70 -0.57 12.48
CA PRO A 272 12.98 -1.41 13.45
C PRO A 272 11.62 -0.84 13.88
N TYR A 273 11.37 0.43 13.56
CA TYR A 273 10.13 1.09 13.97
C TYR A 273 9.18 1.36 12.82
N ALA A 274 9.63 2.10 11.81
CA ALA A 274 8.80 2.40 10.64
C ALA A 274 8.67 1.20 9.71
N LYS A 275 9.65 0.30 9.77
CA LYS A 275 9.66 -0.96 9.01
C LYS A 275 9.43 -0.75 7.51
N GLU A 276 10.08 0.30 6.99
CA GLU A 276 9.97 0.69 5.59
C GLU A 276 11.28 0.40 4.85
N SER A 277 11.19 -0.43 3.81
CA SER A 277 12.33 -0.74 2.96
C SER A 277 12.91 0.55 2.35
N GLY A 278 14.21 0.76 2.50
CA GLY A 278 14.89 1.90 1.89
C GLY A 278 14.64 3.26 2.52
N ILE A 279 13.93 3.28 3.66
CA ILE A 279 13.60 4.50 4.37
C ILE A 279 13.86 4.37 5.86
N TRP A 280 14.56 5.34 6.44
CA TRP A 280 14.71 5.45 7.89
C TRP A 280 14.15 6.77 8.38
N ALA A 281 13.30 6.70 9.41
CA ALA A 281 12.84 7.90 10.13
C ALA A 281 14.06 8.59 10.71
N TYR A 282 13.96 9.89 10.95
CA TYR A 282 15.08 10.63 11.56
C TYR A 282 15.51 9.98 12.87
N TYR A 283 14.56 9.54 13.69
CA TYR A 283 14.91 8.89 14.95
C TYR A 283 15.60 7.54 14.76
N GLU A 284 15.23 6.83 13.69
CA GLU A 284 15.92 5.59 13.30
C GLU A 284 17.34 5.86 12.83
N ILE A 285 17.53 6.99 12.14
CA ILE A 285 18.87 7.43 11.71
C ILE A 285 19.75 7.75 12.91
N CYS A 286 19.17 8.38 13.93
CA CYS A 286 19.91 8.69 15.14
C CYS A 286 20.47 7.44 15.83
N THR A 287 19.69 6.36 15.81
CA THR A 287 20.17 5.06 16.30
C THR A 287 21.40 4.60 15.51
N PHE A 288 21.32 4.72 14.18
CA PHE A 288 22.41 4.39 13.26
C PHE A 288 23.70 5.15 13.63
N LEU A 289 23.56 6.45 13.87
CA LEU A 289 24.69 7.29 14.28
C LEU A 289 25.26 6.87 15.64
N LYS A 290 24.37 6.59 16.59
CA LYS A 290 24.76 6.15 17.94
C LYS A 290 25.47 4.80 17.94
N ASN A 291 25.10 3.93 17.00
CA ASN A 291 25.67 2.59 16.91
C ASN A 291 26.99 2.50 16.14
N GLY A 292 27.55 3.64 15.76
CA GLY A 292 28.92 3.71 15.23
C GLY A 292 29.13 4.11 13.79
N ALA A 293 28.06 4.59 13.14
CA ALA A 293 28.15 5.03 11.75
C ALA A 293 29.02 6.29 11.63
N THR A 294 29.69 6.44 10.49
CA THR A 294 30.49 7.62 10.23
C THR A 294 29.63 8.72 9.61
N GLN A 295 29.69 9.91 10.21
CA GLN A 295 28.98 11.08 9.71
C GLN A 295 29.68 11.66 8.47
N GLY A 296 28.88 11.96 7.46
CA GLY A 296 29.34 12.70 6.29
C GLY A 296 28.55 13.99 6.14
N TRP A 297 29.18 14.98 5.51
CA TRP A 297 28.47 16.20 5.11
C TRP A 297 28.68 16.44 3.62
N ASP A 298 27.57 16.45 2.89
CA ASP A 298 27.53 16.75 1.46
C ASP A 298 27.51 18.26 1.31
N ALA A 299 28.69 18.87 1.22
CA ALA A 299 28.85 20.32 1.23
C ALA A 299 28.14 21.06 0.09
N PRO A 300 28.30 20.61 -1.17
CA PRO A 300 27.62 21.32 -2.26
C PRO A 300 26.10 21.34 -2.12
N GLN A 301 25.54 20.28 -1.54
CA GLN A 301 24.10 20.10 -1.48
C GLN A 301 23.51 20.44 -0.10
N GLU A 302 24.40 20.75 0.85
CA GLU A 302 24.04 21.20 2.20
C GLU A 302 23.19 20.21 2.98
N VAL A 303 23.53 18.94 2.88
CA VAL A 303 22.78 17.86 3.56
C VAL A 303 23.72 16.79 4.09
N PRO A 304 23.36 16.16 5.22
CA PRO A 304 24.21 15.12 5.78
C PRO A 304 24.03 13.75 5.12
N TYR A 305 25.00 12.88 5.34
CA TYR A 305 24.85 11.47 5.04
C TYR A 305 25.62 10.68 6.09
N ALA A 306 25.42 9.36 6.12
CA ALA A 306 26.11 8.52 7.09
C ALA A 306 26.28 7.12 6.52
N TYR A 307 27.35 6.46 6.94
CA TYR A 307 27.66 5.13 6.44
C TYR A 307 28.33 4.25 7.49
N GLN A 308 28.04 2.95 7.40
CA GLN A 308 28.72 1.95 8.20
C GLN A 308 28.66 0.64 7.44
N GLY A 309 29.83 0.02 7.25
CA GLY A 309 29.92 -1.19 6.44
C GLY A 309 29.39 -0.96 5.04
N ASN A 310 28.37 -1.74 4.67
CA ASN A 310 27.75 -1.62 3.36
C ASN A 310 26.43 -0.84 3.35
N VAL A 311 26.14 -0.14 4.44
CA VAL A 311 24.90 0.65 4.54
C VAL A 311 25.22 2.15 4.49
N TRP A 312 24.49 2.86 3.64
CA TRP A 312 24.66 4.29 3.39
C TRP A 312 23.30 4.96 3.47
N VAL A 313 23.20 6.07 4.19
CA VAL A 313 21.93 6.80 4.29
C VAL A 313 22.12 8.29 3.96
N GLY A 314 21.25 8.81 3.10
CA GLY A 314 21.18 10.24 2.82
C GLY A 314 19.94 10.81 3.48
N TYR A 315 20.10 11.91 4.22
CA TYR A 315 19.01 12.42 5.05
C TYR A 315 19.11 13.92 5.32
N ASP A 316 18.30 14.39 6.27
CA ASP A 316 18.30 15.76 6.74
C ASP A 316 18.44 15.82 8.27
N ASN A 317 19.15 16.83 8.75
CA ASN A 317 19.32 17.05 10.17
C ASN A 317 19.02 18.49 10.56
N VAL A 318 19.34 18.86 11.79
CA VAL A 318 19.08 20.22 12.27
C VAL A 318 19.81 21.24 11.40
N LYS A 319 21.07 20.96 11.09
CA LYS A 319 21.90 21.85 10.29
C LYS A 319 21.33 22.09 8.90
N SER A 320 20.93 21.01 8.22
CA SER A 320 20.39 21.13 6.85
C SER A 320 19.02 21.81 6.84
N PHE A 321 18.19 21.51 7.83
CA PHE A 321 16.89 22.17 7.97
C PHE A 321 17.04 23.67 8.17
N ASP A 322 18.02 24.07 8.98
CA ASP A 322 18.33 25.48 9.19
C ASP A 322 18.75 26.20 7.91
N ILE A 323 19.69 25.60 7.18
CA ILE A 323 20.20 26.17 5.93
C ILE A 323 19.07 26.34 4.92
N LYS A 324 18.23 25.31 4.78
CA LYS A 324 17.08 25.34 3.87
C LYS A 324 16.06 26.39 4.27
N ALA A 325 15.84 26.56 5.57
CA ALA A 325 14.90 27.56 6.07
C ALA A 325 15.37 28.98 5.76
N GLN A 326 16.68 29.21 5.87
CA GLN A 326 17.26 30.51 5.52
C GLN A 326 17.12 30.76 4.02
N TRP A 327 17.35 29.73 3.22
CA TRP A 327 17.17 29.78 1.77
C TRP A 327 15.71 30.10 1.41
N LEU A 328 14.79 29.41 2.06
CA LEU A 328 13.34 29.60 1.88
C LEU A 328 12.95 31.07 2.10
N LYS A 329 13.43 31.63 3.20
CA LYS A 329 13.13 33.02 3.56
C LYS A 329 13.68 33.99 2.50
N HIS A 330 14.91 33.74 2.05
CA HIS A 330 15.53 34.57 1.00
C HIS A 330 14.73 34.56 -0.30
N ASN A 331 14.10 33.42 -0.59
CA ASN A 331 13.33 33.26 -1.82
C ASN A 331 11.85 33.62 -1.66
N LYS A 332 11.47 33.98 -0.44
CA LYS A 332 10.15 34.54 -0.14
C LYS A 332 8.98 33.58 -0.46
N PHE A 333 9.20 32.30 -0.19
CA PHE A 333 8.15 31.29 -0.33
C PHE A 333 7.16 31.37 0.83
N GLY A 334 6.02 30.68 0.68
CA GLY A 334 4.94 30.75 1.66
C GLY A 334 5.23 30.06 2.99
N GLY A 335 6.22 29.17 2.97
CA GLY A 335 6.60 28.43 4.17
C GLY A 335 7.06 27.02 3.86
N ALA A 336 6.94 26.15 4.87
CA ALA A 336 7.46 24.80 4.82
C ALA A 336 6.38 23.81 5.16
N MET A 337 6.41 22.66 4.47
CA MET A 337 5.62 21.51 4.89
C MET A 337 6.55 20.36 5.24
N VAL A 338 6.08 19.48 6.12
CA VAL A 338 6.93 18.43 6.67
C VAL A 338 6.29 17.05 6.54
N TRP A 339 7.01 16.14 5.89
CA TRP A 339 6.65 14.73 5.93
C TRP A 339 7.72 13.95 6.71
N ALA A 340 7.38 13.43 7.90
CA ALA A 340 6.08 13.61 8.55
C ALA A 340 6.31 13.85 10.04
N ILE A 341 5.30 14.36 10.73
CA ILE A 341 5.39 14.64 12.17
C ILE A 341 5.78 13.40 12.99
N ASP A 342 5.33 12.23 12.54
CA ASP A 342 5.57 10.96 13.24
C ASP A 342 6.96 10.36 12.97
N LEU A 343 7.72 10.98 12.08
CA LEU A 343 9.06 10.50 11.73
C LEU A 343 10.18 11.30 12.38
N ASP A 344 9.83 12.50 12.86
CA ASP A 344 10.74 13.31 13.68
C ASP A 344 10.94 12.62 15.03
N ASP A 345 11.99 12.99 15.75
CA ASP A 345 12.24 12.40 17.07
C ASP A 345 11.29 13.03 18.11
N PHE A 346 10.03 12.61 18.05
CA PHE A 346 8.97 13.18 18.88
C PHE A 346 9.15 12.97 20.38
N THR A 347 9.69 11.81 20.77
CA THR A 347 9.99 11.52 22.18
C THR A 347 11.23 12.27 22.67
N GLY A 348 12.10 12.62 21.73
CA GLY A 348 13.39 13.24 22.04
C GLY A 348 14.44 12.28 22.57
N THR A 349 14.09 10.99 22.65
CA THR A 349 14.94 9.99 23.31
C THR A 349 15.96 9.33 22.38
N PHE A 350 15.81 9.55 21.07
CA PHE A 350 16.68 8.91 20.09
C PHE A 350 17.88 9.80 19.71
N CYS A 351 17.63 11.09 19.57
CA CYS A 351 18.63 12.03 19.04
C CYS A 351 19.21 12.94 20.11
N ASN A 352 18.52 13.03 21.25
CA ASN A 352 18.91 13.90 22.37
C ASN A 352 19.06 15.37 21.97
N GLN A 353 18.17 15.81 21.08
CA GLN A 353 18.15 17.19 20.59
C GLN A 353 16.84 17.88 20.97
N GLY A 354 16.16 17.34 21.97
CA GLY A 354 14.86 17.85 22.40
C GLY A 354 13.73 17.19 21.62
N LYS A 355 12.49 17.47 22.03
CA LYS A 355 11.32 16.92 21.36
C LYS A 355 11.11 17.58 20.00
N PHE A 356 10.77 16.77 19.00
CA PHE A 356 10.56 17.23 17.63
C PHE A 356 11.72 18.14 17.16
N PRO A 357 12.97 17.62 17.17
CA PRO A 357 14.11 18.50 16.90
C PRO A 357 14.09 19.14 15.51
N LEU A 358 13.69 18.39 14.49
CA LEU A 358 13.69 18.90 13.12
C LEU A 358 12.59 19.93 12.90
N ILE A 359 11.37 19.61 13.31
CA ILE A 359 10.25 20.54 13.14
C ILE A 359 10.42 21.80 14.02
N SER A 360 10.93 21.62 15.23
CA SER A 360 11.26 22.76 16.11
C SER A 360 12.28 23.71 15.48
N THR A 361 13.23 23.16 14.72
CA THR A 361 14.22 23.95 13.99
C THR A 361 13.53 24.89 13.00
N LEU A 362 12.54 24.37 12.30
CA LEU A 362 11.75 25.16 11.34
C LEU A 362 10.89 26.21 12.04
N LYS A 363 10.26 25.81 13.15
CA LYS A 363 9.44 26.73 13.94
C LYS A 363 10.24 27.97 14.37
N LYS A 364 11.48 27.73 14.84
CA LYS A 364 12.37 28.81 15.25
C LYS A 364 12.82 29.65 14.05
N ALA A 365 13.29 28.98 13.01
CA ALA A 365 13.85 29.67 11.84
C ALA A 365 12.82 30.51 11.07
N LEU A 366 11.57 30.06 11.08
CA LEU A 366 10.52 30.74 10.30
C LEU A 366 9.78 31.82 11.11
N GLY A 367 10.31 32.18 12.27
CA GLY A 367 9.74 33.24 13.11
C GLY A 367 8.46 32.86 13.82
N LEU A 368 8.31 31.57 14.14
CA LEU A 368 7.08 31.07 14.75
C LEU A 368 7.21 30.68 16.22
N GLN A 369 8.38 30.93 16.82
CA GLN A 369 8.63 30.59 18.22
C GLN A 369 7.65 31.26 19.18
N SER A 370 7.28 32.51 18.89
CA SER A 370 6.37 33.27 19.74
C SER A 370 4.90 33.21 19.25
N ALA A 371 4.62 32.30 18.32
CA ALA A 371 3.26 32.12 17.81
C ALA A 371 2.29 31.79 18.94
N SER A 372 1.05 32.28 18.79
CA SER A 372 0.02 32.09 19.79
C SER A 372 -0.35 30.62 19.94
N CYS A 373 -0.32 30.13 21.17
CA CYS A 373 -0.85 28.80 21.48
C CYS A 373 -1.72 28.86 22.73
N THR A 374 -2.97 29.22 22.50
CA THR A 374 -3.95 29.38 23.57
C THR A 374 -5.23 28.69 23.12
N ALA A 375 -5.91 28.04 24.06
CA ALA A 375 -7.22 27.45 23.80
C ALA A 375 -8.19 28.54 23.33
N PRO A 376 -9.12 28.18 22.42
CA PRO A 376 -10.10 29.17 21.95
C PRO A 376 -11.06 29.59 23.07
N ALA A 377 -11.61 30.81 22.94
CA ALA A 377 -12.53 31.36 23.94
C ALA A 377 -13.86 30.61 23.96
N TYR B 1 -4.36 -33.87 -6.03
CA TYR B 1 -4.67 -32.43 -5.82
C TYR B 1 -3.39 -31.66 -5.54
N GLN B 2 -3.42 -30.36 -5.85
CA GLN B 2 -2.34 -29.44 -5.46
C GLN B 2 -2.74 -28.73 -4.18
N LEU B 3 -1.74 -28.39 -3.36
CA LEU B 3 -1.93 -27.49 -2.24
C LEU B 3 -0.92 -26.35 -2.38
N THR B 4 -1.43 -25.20 -2.79
CA THR B 4 -0.60 -24.05 -3.16
C THR B 4 -0.71 -22.97 -2.09
N CYS B 5 0.42 -22.52 -1.56
CA CYS B 5 0.42 -21.63 -0.41
C CYS B 5 1.15 -20.34 -0.71
N TYR B 6 0.46 -19.21 -0.50
CA TYR B 6 1.07 -17.89 -0.66
C TYR B 6 1.87 -17.48 0.57
N PHE B 7 3.10 -17.04 0.34
CA PHE B 7 3.94 -16.42 1.35
C PHE B 7 4.03 -14.93 1.04
N THR B 8 3.96 -14.10 2.07
CA THR B 8 4.00 -12.65 1.89
C THR B 8 5.28 -12.03 2.46
N ASN B 9 5.96 -11.22 1.66
CA ASN B 9 7.25 -10.64 2.04
C ASN B 9 7.20 -9.45 3.00
N TRP B 10 6.00 -9.12 3.48
CA TRP B 10 5.83 -8.10 4.52
C TRP B 10 5.52 -8.68 5.89
N ALA B 11 5.30 -10.00 5.95
CA ALA B 11 5.07 -10.69 7.21
C ALA B 11 6.29 -10.61 8.13
N GLN B 12 7.46 -10.41 7.53
CA GLN B 12 8.72 -10.23 8.26
C GLN B 12 8.70 -9.06 9.23
N TYR B 13 7.81 -8.10 8.99
CA TYR B 13 7.75 -6.86 9.78
C TYR B 13 6.80 -6.92 10.96
N ARG B 14 6.09 -8.03 11.12
CA ARG B 14 5.17 -8.19 12.25
C ARG B 14 5.94 -8.43 13.55
N PRO B 15 5.42 -7.88 14.67
CA PRO B 15 6.17 -7.97 15.93
C PRO B 15 6.14 -9.35 16.56
N GLY B 16 7.23 -9.72 17.24
CA GLY B 16 7.32 -10.95 18.03
C GLY B 16 6.81 -12.21 17.33
N LEU B 17 5.79 -12.83 17.93
CA LEU B 17 5.19 -14.07 17.43
C LEU B 17 4.63 -13.94 16.01
N GLY B 18 4.34 -12.72 15.58
CA GLY B 18 3.78 -12.48 14.25
C GLY B 18 4.79 -12.58 13.10
N ARG B 19 6.07 -12.42 13.42
CA ARG B 19 7.13 -12.41 12.41
C ARG B 19 7.20 -13.75 11.69
N PHE B 20 7.18 -13.70 10.36
CA PHE B 20 7.23 -14.93 9.55
C PHE B 20 8.19 -14.76 8.37
N MET B 21 9.19 -15.65 8.32
CA MET B 21 10.22 -15.66 7.29
C MET B 21 10.09 -16.93 6.45
N PRO B 22 10.75 -16.99 5.26
CA PRO B 22 10.71 -18.20 4.45
C PRO B 22 11.13 -19.48 5.17
N ASP B 23 12.07 -19.38 6.11
CA ASP B 23 12.54 -20.55 6.85
C ASP B 23 11.58 -21.04 7.93
N ASP B 24 10.50 -20.27 8.15
CA ASP B 24 9.41 -20.69 9.03
C ASP B 24 8.42 -21.60 8.29
N ILE B 25 8.57 -21.69 6.96
CA ILE B 25 7.74 -22.57 6.14
C ILE B 25 8.19 -24.02 6.29
N ASN B 26 7.25 -24.88 6.67
CA ASN B 26 7.47 -26.33 6.62
C ASN B 26 7.46 -26.75 5.15
N PRO B 27 8.61 -27.27 4.65
CA PRO B 27 8.73 -27.59 3.22
C PRO B 27 7.84 -28.77 2.76
N CYS B 28 7.38 -29.57 3.72
CA CYS B 28 6.56 -30.76 3.45
C CYS B 28 5.07 -30.45 3.42
N LEU B 29 4.70 -29.22 3.74
CA LEU B 29 3.30 -28.85 3.94
C LEU B 29 2.52 -28.68 2.64
N CYS B 30 3.06 -27.87 1.73
CA CYS B 30 2.39 -27.55 0.48
C CYS B 30 3.10 -28.19 -0.72
N THR B 31 2.39 -28.31 -1.84
CA THR B 31 2.98 -28.81 -3.08
C THR B 31 3.61 -27.67 -3.89
N HIS B 32 3.01 -26.48 -3.80
CA HIS B 32 3.52 -25.29 -4.45
C HIS B 32 3.56 -24.13 -3.45
N LEU B 33 4.60 -23.32 -3.56
CA LEU B 33 4.70 -22.10 -2.76
C LEU B 33 4.78 -20.89 -3.68
N ILE B 34 4.00 -19.85 -3.38
CA ILE B 34 4.02 -18.63 -4.18
C ILE B 34 4.50 -17.43 -3.37
N TYR B 35 5.50 -16.72 -3.92
CA TYR B 35 6.12 -15.58 -3.27
C TYR B 35 5.43 -14.27 -3.67
N ALA B 36 4.80 -13.61 -2.69
CA ALA B 36 4.13 -12.33 -2.91
C ALA B 36 4.89 -11.18 -2.23
N PHE B 37 5.26 -10.12 -2.95
CA PHE B 37 5.04 -9.95 -4.40
C PHE B 37 6.32 -9.45 -5.07
N ALA B 38 6.39 -9.61 -6.39
CA ALA B 38 7.37 -8.89 -7.21
C ALA B 38 6.72 -7.60 -7.75
N GLY B 39 7.55 -6.67 -8.18
CA GLY B 39 7.07 -5.41 -8.76
C GLY B 39 7.45 -5.26 -10.22
N MET B 40 7.38 -4.03 -10.72
CA MET B 40 7.68 -3.75 -12.11
C MET B 40 8.26 -2.34 -12.25
N GLN B 41 9.34 -2.23 -13.03
CA GLN B 41 9.96 -0.95 -13.34
C GLN B 41 10.35 -0.93 -14.82
N ASN B 42 9.88 0.10 -15.54
CA ASN B 42 10.13 0.23 -16.97
C ASN B 42 9.81 -1.07 -17.72
N ASN B 43 8.65 -1.62 -17.42
CA ASN B 43 8.13 -2.87 -18.03
C ASN B 43 8.98 -4.12 -17.76
N GLU B 44 9.78 -4.07 -16.69
CA GLU B 44 10.58 -5.24 -16.28
C GLU B 44 10.28 -5.62 -14.85
N ILE B 45 10.27 -6.92 -14.58
CA ILE B 45 10.00 -7.44 -13.24
C ILE B 45 11.12 -7.04 -12.27
N THR B 46 10.73 -6.66 -11.05
CA THR B 46 11.69 -6.25 -10.02
C THR B 46 11.32 -6.82 -8.65
N THR B 47 12.27 -6.76 -7.73
CA THR B 47 12.01 -6.97 -6.31
C THR B 47 11.23 -5.77 -5.76
N ILE B 48 10.70 -5.89 -4.54
CA ILE B 48 10.05 -4.74 -3.89
C ILE B 48 10.58 -4.45 -2.49
N GLU B 49 11.03 -5.48 -1.78
CA GLU B 49 11.62 -5.32 -0.46
C GLU B 49 13.14 -5.39 -0.52
N TRP B 50 13.81 -4.63 0.35
CA TRP B 50 15.28 -4.53 0.38
C TRP B 50 15.99 -5.90 0.43
N ASN B 51 15.40 -6.84 1.15
CA ASN B 51 16.03 -8.16 1.35
C ASN B 51 15.41 -9.28 0.52
N ASP B 52 14.66 -8.94 -0.52
CA ASP B 52 13.99 -9.93 -1.37
C ASP B 52 14.96 -10.98 -1.92
N VAL B 53 16.13 -10.55 -2.39
CA VAL B 53 17.12 -11.50 -2.95
C VAL B 53 17.51 -12.56 -1.92
N THR B 54 17.79 -12.13 -0.69
CA THR B 54 18.11 -13.03 0.42
C THR B 54 16.92 -13.95 0.72
N LEU B 55 15.72 -13.37 0.70
CA LEU B 55 14.50 -14.13 0.95
C LEU B 55 14.21 -15.14 -0.16
N TYR B 56 14.46 -14.75 -1.42
CA TYR B 56 14.34 -15.66 -2.56
C TYR B 56 15.20 -16.91 -2.36
N GLN B 57 16.44 -16.71 -1.92
CA GLN B 57 17.39 -17.79 -1.69
C GLN B 57 16.87 -18.78 -0.64
N ALA B 58 16.35 -18.25 0.47
CA ALA B 58 15.78 -19.07 1.53
C ALA B 58 14.52 -19.79 1.06
N PHE B 59 13.67 -19.05 0.35
CA PHE B 59 12.38 -19.53 -0.15
C PHE B 59 12.57 -20.70 -1.12
N ASN B 60 13.37 -20.47 -2.16
CA ASN B 60 13.65 -21.51 -3.14
C ASN B 60 14.59 -22.59 -2.59
N GLY B 61 15.34 -22.25 -1.55
CA GLY B 61 16.18 -23.20 -0.82
C GLY B 61 15.38 -24.30 -0.13
N LEU B 62 14.08 -24.07 0.07
CA LEU B 62 13.19 -25.07 0.65
C LEU B 62 13.06 -26.32 -0.23
N LYS B 63 13.31 -26.16 -1.52
CA LYS B 63 13.28 -27.26 -2.48
C LYS B 63 14.44 -28.25 -2.28
N ASN B 64 15.43 -27.86 -1.48
CA ASN B 64 16.51 -28.76 -1.07
C ASN B 64 16.05 -29.78 -0.03
N LYS B 65 14.95 -29.47 0.65
CA LYS B 65 14.39 -30.35 1.67
C LYS B 65 13.20 -31.16 1.15
N ASN B 66 12.57 -30.65 0.09
CA ASN B 66 11.48 -31.33 -0.58
C ASN B 66 11.67 -31.23 -2.10
N SER B 67 12.19 -32.31 -2.69
CA SER B 67 12.55 -32.35 -4.11
C SER B 67 11.37 -32.18 -5.09
N GLN B 68 10.15 -32.39 -4.59
CA GLN B 68 8.95 -32.27 -5.41
C GLN B 68 8.32 -30.87 -5.37
N LEU B 69 8.73 -30.08 -4.39
CA LEU B 69 8.21 -28.73 -4.20
C LEU B 69 8.49 -27.83 -5.41
N LYS B 70 7.48 -27.07 -5.81
CA LYS B 70 7.62 -26.08 -6.88
C LYS B 70 7.35 -24.69 -6.33
N THR B 71 8.07 -23.70 -6.83
CA THR B 71 7.91 -22.33 -6.37
C THR B 71 7.55 -21.39 -7.51
N LEU B 72 6.70 -20.41 -7.18
CA LEU B 72 6.35 -19.39 -8.16
C LEU B 72 6.48 -18.00 -7.54
N LEU B 73 6.76 -17.02 -8.40
CA LEU B 73 6.82 -15.63 -7.98
C LEU B 73 5.55 -14.92 -8.46
N ALA B 74 4.86 -14.28 -7.53
CA ALA B 74 3.65 -13.54 -7.88
C ALA B 74 3.98 -12.07 -8.12
N ILE B 75 3.55 -11.56 -9.27
CA ILE B 75 3.73 -10.13 -9.60
C ILE B 75 2.41 -9.38 -9.49
N GLY B 76 2.44 -8.23 -8.85
CA GLY B 76 1.27 -7.37 -8.76
C GLY B 76 0.69 -7.29 -7.36
N GLY B 77 -0.57 -7.65 -7.24
CA GLY B 77 -1.30 -7.51 -5.97
C GLY B 77 -2.17 -6.28 -5.94
N TRP B 78 -2.95 -6.13 -4.87
CA TRP B 78 -3.95 -5.07 -4.75
C TRP B 78 -3.38 -3.66 -4.87
N ASN B 79 -2.42 -3.34 -4.00
CA ASN B 79 -1.83 -2.00 -3.97
C ASN B 79 -1.03 -1.64 -5.23
N PHE B 80 -0.47 -2.66 -5.88
CA PHE B 80 0.25 -2.48 -7.14
C PHE B 80 -0.65 -1.85 -8.21
N GLY B 81 -1.94 -2.17 -8.14
CA GLY B 81 -2.93 -1.57 -9.03
C GLY B 81 -2.82 -2.10 -10.46
N THR B 82 -3.38 -1.36 -11.40
CA THR B 82 -3.50 -1.81 -12.78
C THR B 82 -2.61 -1.06 -13.76
N ALA B 83 -2.23 0.17 -13.42
CA ALA B 83 -1.50 1.04 -14.35
C ALA B 83 -0.24 0.42 -14.97
N PRO B 84 0.64 -0.21 -14.16
CA PRO B 84 1.83 -0.81 -14.78
C PRO B 84 1.49 -1.97 -15.72
N PHE B 85 0.47 -2.76 -15.37
CA PHE B 85 0.01 -3.85 -16.24
C PHE B 85 -0.57 -3.32 -17.54
N THR B 86 -1.40 -2.28 -17.45
CA THR B 86 -2.01 -1.66 -18.63
C THR B 86 -0.94 -1.16 -19.59
N ALA B 87 0.04 -0.43 -19.06
CA ALA B 87 1.13 0.11 -19.86
C ALA B 87 1.97 -1.01 -20.49
N MET B 88 2.20 -2.08 -19.71
CA MET B 88 3.03 -3.19 -20.16
C MET B 88 2.39 -3.99 -21.31
N VAL B 89 1.09 -4.23 -21.23
CA VAL B 89 0.41 -5.02 -22.27
C VAL B 89 0.01 -4.18 -23.49
N SER B 90 0.08 -2.85 -23.36
CA SER B 90 -0.43 -1.92 -24.38
C SER B 90 0.27 -2.03 -25.74
N THR B 91 1.52 -2.45 -25.73
CA THR B 91 2.30 -2.60 -26.97
C THR B 91 3.03 -3.95 -26.96
N PRO B 92 3.23 -4.56 -28.15
CA PRO B 92 4.00 -5.81 -28.21
C PRO B 92 5.44 -5.64 -27.72
N GLU B 93 6.02 -4.46 -27.97
CA GLU B 93 7.37 -4.13 -27.48
C GLU B 93 7.48 -4.25 -25.96
N ASN B 94 6.52 -3.66 -25.25
CA ASN B 94 6.51 -3.69 -23.79
C ASN B 94 6.29 -5.10 -23.23
N ARG B 95 5.46 -5.89 -23.92
CA ARG B 95 5.21 -7.27 -23.51
C ARG B 95 6.46 -8.13 -23.66
N GLN B 96 7.20 -7.93 -24.76
CA GLN B 96 8.44 -8.66 -24.98
C GLN B 96 9.52 -8.26 -23.98
N THR B 97 9.64 -6.96 -23.73
CA THR B 97 10.55 -6.44 -22.69
C THR B 97 10.28 -7.14 -21.36
N PHE B 98 9.00 -7.25 -21.00
CA PHE B 98 8.58 -7.88 -19.76
C PHE B 98 8.87 -9.39 -19.73
N ILE B 99 8.44 -10.09 -20.78
CA ILE B 99 8.61 -11.54 -20.86
C ILE B 99 10.10 -11.93 -20.77
N THR B 100 10.94 -11.23 -21.52
CA THR B 100 12.39 -11.43 -21.47
C THR B 100 12.93 -11.24 -20.05
N SER B 101 12.49 -10.17 -19.38
CA SER B 101 12.92 -9.90 -18.01
C SER B 101 12.46 -11.00 -17.05
N VAL B 102 11.26 -11.52 -17.28
CA VAL B 102 10.70 -12.58 -16.44
C VAL B 102 11.49 -13.88 -16.54
N ILE B 103 11.78 -14.31 -17.77
CA ILE B 103 12.58 -15.50 -18.00
C ILE B 103 13.93 -15.40 -17.28
N LYS B 104 14.61 -14.27 -17.45
CA LYS B 104 15.91 -14.03 -16.81
C LYS B 104 15.80 -14.05 -15.29
N PHE B 105 14.81 -13.35 -14.75
CA PHE B 105 14.59 -13.19 -13.30
C PHE B 105 14.30 -14.52 -12.62
N LEU B 106 13.38 -15.30 -13.20
CA LEU B 106 12.96 -16.58 -12.62
C LEU B 106 14.08 -17.62 -12.62
N ARG B 107 14.82 -17.68 -13.73
CA ARG B 107 15.95 -18.61 -13.83
C ARG B 107 17.09 -18.20 -12.90
N GLN B 108 17.36 -16.89 -12.81
CA GLN B 108 18.42 -16.38 -11.95
C GLN B 108 18.19 -16.70 -10.47
N TYR B 109 16.96 -16.47 -10.01
CA TYR B 109 16.63 -16.63 -8.58
C TYR B 109 16.00 -17.99 -8.24
N GLU B 110 15.88 -18.83 -9.26
CA GLU B 110 15.49 -20.25 -9.11
C GLU B 110 14.01 -20.47 -8.77
N PHE B 111 13.13 -19.67 -9.38
CA PHE B 111 11.69 -19.90 -9.33
C PHE B 111 11.27 -20.80 -10.49
N ASP B 112 10.23 -21.59 -10.27
CA ASP B 112 9.73 -22.52 -11.28
C ASP B 112 8.62 -21.91 -12.16
N GLY B 113 8.20 -20.69 -11.84
CA GLY B 113 7.17 -20.04 -12.64
C GLY B 113 6.73 -18.68 -12.13
N LEU B 114 5.80 -18.08 -12.87
CA LEU B 114 5.23 -16.78 -12.52
C LEU B 114 3.73 -16.90 -12.26
N ASP B 115 3.29 -16.24 -11.19
CA ASP B 115 1.87 -16.10 -10.87
C ASP B 115 1.46 -14.64 -11.14
N PHE B 116 0.57 -14.44 -12.11
CA PHE B 116 0.03 -13.12 -12.39
C PHE B 116 -1.02 -12.72 -11.35
N ASP B 117 -0.79 -11.61 -10.66
CA ASP B 117 -1.76 -11.08 -9.68
C ASP B 117 -2.23 -9.68 -10.08
N TRP B 118 -2.73 -9.59 -11.31
CA TRP B 118 -3.29 -8.35 -11.84
C TRP B 118 -4.72 -8.21 -11.33
N GLU B 119 -4.95 -7.18 -10.52
CA GLU B 119 -6.26 -6.95 -9.92
C GLU B 119 -6.84 -5.61 -10.37
N TYR B 120 -7.60 -5.58 -11.46
CA TYR B 120 -7.89 -6.71 -12.35
C TYR B 120 -7.92 -6.16 -13.78
N PRO B 121 -7.70 -7.02 -14.80
CA PRO B 121 -7.89 -6.51 -16.16
C PRO B 121 -9.32 -6.03 -16.33
N GLY B 122 -9.50 -4.88 -16.97
CA GLY B 122 -10.84 -4.35 -17.23
C GLY B 122 -11.54 -3.62 -16.08
N SER B 123 -10.93 -3.60 -14.90
CA SER B 123 -11.46 -2.83 -13.77
C SER B 123 -10.35 -2.11 -13.01
N ARG B 124 -10.73 -1.32 -11.99
CA ARG B 124 -9.78 -0.52 -11.20
C ARG B 124 -8.85 0.33 -12.08
N GLY B 125 -9.43 0.99 -13.09
CA GLY B 125 -8.68 1.88 -13.98
C GLY B 125 -8.21 1.23 -15.28
N SER B 126 -8.17 -0.10 -15.30
CA SER B 126 -7.75 -0.84 -16.49
C SER B 126 -8.84 -0.78 -17.56
N PRO B 127 -8.49 -0.31 -18.78
CA PRO B 127 -9.45 -0.13 -19.88
C PRO B 127 -9.95 -1.45 -20.47
N PRO B 128 -11.10 -1.41 -21.18
CA PRO B 128 -11.76 -2.61 -21.71
C PRO B 128 -10.88 -3.52 -22.57
N GLN B 129 -9.95 -2.95 -23.33
CA GLN B 129 -9.06 -3.72 -24.19
C GLN B 129 -8.11 -4.65 -23.43
N ASP B 130 -7.93 -4.40 -22.13
CA ASP B 130 -7.04 -5.21 -21.30
C ASP B 130 -7.55 -6.63 -21.05
N LYS B 131 -8.86 -6.82 -21.18
CA LYS B 131 -9.45 -8.16 -21.10
C LYS B 131 -8.81 -9.08 -22.14
N HIS B 132 -8.80 -8.66 -23.40
CA HIS B 132 -8.15 -9.43 -24.47
C HIS B 132 -6.63 -9.40 -24.37
N LEU B 133 -6.07 -8.23 -24.02
CA LEU B 133 -4.62 -8.07 -23.96
C LEU B 133 -3.97 -8.93 -22.88
N PHE B 134 -4.70 -9.21 -21.80
CA PHE B 134 -4.23 -10.16 -20.79
C PHE B 134 -4.11 -11.58 -21.34
N THR B 135 -5.08 -11.99 -22.16
CA THR B 135 -5.00 -13.28 -22.86
C THR B 135 -3.76 -13.31 -23.74
N VAL B 136 -3.57 -12.26 -24.52
CA VAL B 136 -2.41 -12.12 -25.40
C VAL B 136 -1.09 -12.24 -24.63
N LEU B 137 -0.99 -11.49 -23.53
CA LEU B 137 0.18 -11.55 -22.66
C LEU B 137 0.48 -12.98 -22.17
N VAL B 138 -0.55 -13.65 -21.65
CA VAL B 138 -0.39 -15.00 -21.12
C VAL B 138 0.00 -15.99 -22.23
N GLN B 139 -0.65 -15.87 -23.39
CA GLN B 139 -0.29 -16.69 -24.56
C GLN B 139 1.17 -16.49 -24.96
N GLU B 140 1.59 -15.23 -25.07
CA GLU B 140 2.96 -14.91 -25.48
C GLU B 140 3.99 -15.39 -24.45
N MET B 141 3.63 -15.28 -23.16
CA MET B 141 4.51 -15.78 -22.10
CA MET B 141 4.48 -15.78 -22.07
C MET B 141 4.62 -17.30 -22.12
N ARG B 142 3.48 -17.99 -22.22
CA ARG B 142 3.44 -19.44 -22.31
C ARG B 142 4.30 -19.93 -23.48
N GLU B 143 4.14 -19.29 -24.64
CA GLU B 143 4.88 -19.63 -25.84
C GLU B 143 6.38 -19.33 -25.72
N ALA B 144 6.72 -18.23 -25.05
CA ALA B 144 8.12 -17.89 -24.78
C ALA B 144 8.76 -18.88 -23.81
N PHE B 145 7.98 -19.32 -22.82
CA PHE B 145 8.43 -20.33 -21.86
C PHE B 145 8.73 -21.66 -22.56
N GLU B 146 7.86 -22.05 -23.49
CA GLU B 146 8.04 -23.25 -24.30
C GLU B 146 9.29 -23.14 -25.18
N GLN B 147 9.53 -21.94 -25.71
CA GLN B 147 10.69 -21.65 -26.57
C GLN B 147 12.01 -21.70 -25.77
N GLU B 148 12.01 -21.07 -24.59
CA GLU B 148 13.18 -21.05 -23.71
C GLU B 148 13.54 -22.46 -23.23
N ALA B 149 12.53 -23.28 -22.95
CA ALA B 149 12.72 -24.66 -22.55
C ALA B 149 13.55 -25.44 -23.57
N LYS B 150 13.23 -25.24 -24.85
CA LYS B 150 13.96 -25.85 -25.95
C LYS B 150 15.39 -25.33 -26.05
N GLN B 151 15.57 -24.03 -25.78
CA GLN B 151 16.87 -23.38 -25.84
C GLN B 151 17.84 -23.91 -24.79
N ILE B 152 17.38 -24.03 -23.55
CA ILE B 152 18.24 -24.42 -22.43
C ILE B 152 18.12 -25.90 -22.04
N ASN B 153 17.25 -26.63 -22.75
CA ASN B 153 17.02 -28.06 -22.52
C ASN B 153 16.63 -28.40 -21.08
N LYS B 154 15.60 -27.70 -20.60
CA LYS B 154 15.04 -27.95 -19.27
C LYS B 154 13.51 -27.84 -19.35
N PRO B 155 12.78 -28.48 -18.42
CA PRO B 155 11.34 -28.27 -18.36
C PRO B 155 10.99 -26.78 -18.26
N ARG B 156 9.95 -26.37 -18.99
CA ARG B 156 9.57 -24.95 -19.05
C ARG B 156 9.10 -24.39 -17.71
N LEU B 157 9.25 -23.08 -17.56
CA LEU B 157 8.68 -22.34 -16.46
C LEU B 157 7.15 -22.40 -16.53
N MET B 158 6.51 -22.31 -15.36
CA MET B 158 5.05 -22.32 -15.25
C MET B 158 4.48 -20.91 -15.33
N VAL B 159 3.23 -20.81 -15.81
CA VAL B 159 2.49 -19.55 -15.76
C VAL B 159 1.11 -19.78 -15.15
N THR B 160 0.84 -19.09 -14.04
CA THR B 160 -0.42 -19.20 -13.35
C THR B 160 -0.99 -17.79 -13.12
N ALA B 161 -2.21 -17.71 -12.60
CA ALA B 161 -2.81 -16.42 -12.29
C ALA B 161 -3.76 -16.50 -11.11
N ALA B 162 -3.69 -15.49 -10.24
CA ALA B 162 -4.73 -15.23 -9.24
C ALA B 162 -5.84 -14.44 -9.92
N VAL B 163 -7.07 -14.94 -9.84
CA VAL B 163 -8.19 -14.38 -10.62
C VAL B 163 -9.40 -14.00 -9.76
N ALA B 164 -10.19 -13.04 -10.26
CA ALA B 164 -11.32 -12.47 -9.54
C ALA B 164 -12.41 -13.48 -9.20
N ALA B 165 -13.09 -13.22 -8.09
CA ALA B 165 -14.28 -13.98 -7.68
C ALA B 165 -15.59 -13.23 -7.90
N GLY B 166 -15.51 -11.89 -8.02
CA GLY B 166 -16.69 -11.06 -8.27
C GLY B 166 -17.15 -11.21 -9.71
N ILE B 167 -18.45 -11.47 -9.91
CA ILE B 167 -18.97 -11.80 -11.24
C ILE B 167 -18.75 -10.66 -12.25
N SER B 168 -19.03 -9.44 -11.82
CA SER B 168 -18.80 -8.26 -12.66
C SER B 168 -17.33 -8.16 -13.08
N ASN B 169 -16.42 -8.34 -12.12
CA ASN B 169 -14.98 -8.32 -12.37
C ASN B 169 -14.53 -9.45 -13.31
N ILE B 170 -15.12 -10.63 -13.17
CA ILE B 170 -14.82 -11.76 -14.04
C ILE B 170 -15.25 -11.47 -15.48
N GLN B 171 -16.47 -10.95 -15.64
CA GLN B 171 -17.02 -10.65 -16.96
C GLN B 171 -16.26 -9.58 -17.72
N SER B 172 -15.82 -8.54 -17.02
CA SER B 172 -15.05 -7.46 -17.65
C SER B 172 -13.56 -7.79 -17.73
N GLY B 173 -13.14 -8.86 -17.07
CA GLY B 173 -11.72 -9.17 -16.91
C GLY B 173 -11.10 -10.23 -17.80
N TYR B 174 -11.82 -11.32 -18.07
CA TYR B 174 -11.20 -12.52 -18.63
C TYR B 174 -11.94 -13.15 -19.79
N GLU B 175 -11.17 -13.53 -20.81
CA GLU B 175 -11.65 -14.39 -21.89
C GLU B 175 -11.39 -15.82 -21.43
N ILE B 176 -12.30 -16.36 -20.63
CA ILE B 176 -12.04 -17.58 -19.85
C ILE B 176 -11.58 -18.80 -20.68
N PRO B 177 -12.31 -19.17 -21.76
CA PRO B 177 -11.87 -20.34 -22.52
C PRO B 177 -10.46 -20.19 -23.11
N GLN B 178 -10.18 -19.01 -23.68
CA GLN B 178 -8.88 -18.75 -24.33
C GLN B 178 -7.75 -18.64 -23.31
N LEU B 179 -7.98 -17.88 -22.25
CA LEU B 179 -7.00 -17.70 -21.18
C LEU B 179 -6.65 -19.02 -20.48
N SER B 180 -7.66 -19.84 -20.23
CA SER B 180 -7.49 -21.10 -19.51
C SER B 180 -6.62 -22.11 -20.24
N GLN B 181 -6.56 -21.99 -21.57
CA GLN B 181 -5.70 -22.84 -22.41
C GLN B 181 -4.21 -22.67 -22.10
N TYR B 182 -3.81 -21.44 -21.77
CA TYR B 182 -2.38 -21.11 -21.63
C TYR B 182 -1.89 -21.10 -20.18
N LEU B 183 -2.79 -20.86 -19.24
CA LEU B 183 -2.45 -20.93 -17.81
C LEU B 183 -2.32 -22.39 -17.37
N ASP B 184 -1.33 -22.65 -16.52
CA ASP B 184 -1.13 -23.97 -15.93
C ASP B 184 -2.10 -24.21 -14.78
N TYR B 185 -2.33 -23.16 -13.98
CA TYR B 185 -3.28 -23.20 -12.88
C TYR B 185 -3.97 -21.84 -12.73
N ILE B 186 -5.20 -21.89 -12.25
CA ILE B 186 -6.05 -20.72 -12.09
C ILE B 186 -6.42 -20.63 -10.61
N HIS B 187 -5.83 -19.67 -9.92
CA HIS B 187 -6.02 -19.51 -8.49
C HIS B 187 -7.17 -18.56 -8.20
N VAL B 188 -8.35 -19.11 -7.97
CA VAL B 188 -9.57 -18.31 -7.81
C VAL B 188 -9.68 -17.74 -6.40
N MET B 189 -9.80 -16.42 -6.33
CA MET B 189 -9.78 -15.69 -5.06
C MET B 189 -11.15 -15.76 -4.36
N THR B 190 -11.56 -16.99 -4.02
CA THR B 190 -12.85 -17.26 -3.39
C THR B 190 -12.85 -16.93 -1.91
N TYR B 191 -12.66 -15.64 -1.63
CA TYR B 191 -12.70 -15.08 -0.29
C TYR B 191 -12.89 -13.58 -0.44
N ASP B 192 -12.88 -12.85 0.67
CA ASP B 192 -13.25 -11.42 0.68
C ASP B 192 -14.61 -11.23 -0.01
N LEU B 193 -15.48 -12.22 0.15
CA LEU B 193 -16.78 -12.24 -0.52
C LEU B 193 -17.80 -11.35 0.18
N HIS B 194 -17.52 -11.04 1.44
CA HIS B 194 -18.27 -10.04 2.19
C HIS B 194 -17.30 -9.21 3.01
N GLY B 195 -17.71 -8.01 3.36
CA GLY B 195 -16.88 -7.11 4.17
C GLY B 195 -17.69 -5.95 4.71
N SER B 196 -17.07 -5.21 5.63
CA SER B 196 -17.71 -4.06 6.31
C SER B 196 -18.24 -2.97 5.36
N TRP B 197 -17.67 -2.90 4.16
N TRP B 197 -17.67 -2.90 4.16
CA TRP B 197 -18.10 -1.94 3.15
CA TRP B 197 -18.10 -1.92 3.16
C TRP B 197 -19.56 -2.11 2.75
C TRP B 197 -19.58 -2.10 2.80
N GLU B 198 -20.10 -3.30 3.02
CA GLU B 198 -21.50 -3.62 2.71
C GLU B 198 -22.51 -3.11 3.75
N GLY B 199 -22.04 -2.85 4.97
CA GLY B 199 -22.90 -2.30 6.02
C GLY B 199 -23.65 -3.34 6.84
N TYR B 200 -23.36 -4.61 6.57
CA TYR B 200 -23.94 -5.73 7.31
C TYR B 200 -22.89 -6.82 7.48
N THR B 201 -23.05 -7.65 8.52
CA THR B 201 -22.18 -8.80 8.72
C THR B 201 -22.36 -9.79 7.59
N GLY B 202 -21.25 -10.42 7.20
CA GLY B 202 -21.23 -11.42 6.15
C GLY B 202 -19.95 -12.22 6.25
N GLU B 203 -19.99 -13.44 5.71
CA GLU B 203 -18.85 -14.34 5.81
C GLU B 203 -17.79 -14.07 4.76
N ASN B 204 -16.54 -14.29 5.15
CA ASN B 204 -15.38 -14.08 4.29
C ASN B 204 -15.37 -15.03 3.10
N SER B 205 -15.54 -16.31 3.38
CA SER B 205 -15.45 -17.35 2.36
C SER B 205 -16.54 -18.41 2.57
N PRO B 206 -17.83 -18.01 2.49
CA PRO B 206 -18.89 -18.99 2.68
C PRO B 206 -18.92 -20.00 1.53
N LEU B 207 -19.11 -21.28 1.86
CA LEU B 207 -19.16 -22.32 0.84
C LEU B 207 -20.41 -22.20 -0.02
N TYR B 208 -21.55 -21.97 0.63
CA TYR B 208 -22.84 -21.87 -0.04
C TYR B 208 -23.50 -20.54 0.29
N LYS B 209 -24.60 -20.22 -0.40
CA LYS B 209 -25.33 -19.01 -0.08
C LYS B 209 -26.05 -19.13 1.26
N TYR B 210 -26.21 -17.99 1.93
CA TYR B 210 -27.10 -17.89 3.07
C TYR B 210 -28.53 -17.85 2.51
N PRO B 211 -29.51 -18.42 3.23
CA PRO B 211 -30.89 -18.44 2.69
C PRO B 211 -31.43 -17.10 2.21
N THR B 212 -31.01 -16.00 2.84
CA THR B 212 -31.51 -14.68 2.48
C THR B 212 -30.80 -14.05 1.27
N ASP B 213 -29.74 -14.70 0.78
CA ASP B 213 -28.98 -14.23 -0.38
C ASP B 213 -29.81 -14.41 -1.66
N THR B 214 -30.31 -13.30 -2.21
CA THR B 214 -31.02 -13.33 -3.49
C THR B 214 -30.40 -12.32 -4.45
N GLY B 215 -30.82 -12.35 -5.71
CA GLY B 215 -30.25 -11.49 -6.74
C GLY B 215 -28.75 -11.69 -6.86
N SER B 216 -28.01 -10.58 -6.92
CA SER B 216 -26.55 -10.65 -7.04
C SER B 216 -25.85 -11.20 -5.79
N ASN B 217 -26.49 -11.08 -4.63
CA ASN B 217 -25.96 -11.66 -3.39
C ASN B 217 -25.83 -13.19 -3.45
N ALA B 218 -26.64 -13.82 -4.30
CA ALA B 218 -26.62 -15.29 -4.47
C ALA B 218 -25.32 -15.81 -5.09
N TYR B 219 -24.50 -14.91 -5.63
CA TYR B 219 -23.24 -15.29 -6.28
C TYR B 219 -22.05 -15.24 -5.31
N LEU B 220 -22.29 -14.72 -4.12
CA LEU B 220 -21.22 -14.47 -3.16
C LEU B 220 -20.91 -15.68 -2.29
N ASN B 221 -20.51 -16.77 -2.93
CA ASN B 221 -20.11 -17.99 -2.24
C ASN B 221 -19.15 -18.80 -3.10
N VAL B 222 -18.32 -19.61 -2.44
CA VAL B 222 -17.29 -20.41 -3.11
C VAL B 222 -17.88 -21.32 -4.21
N ASP B 223 -18.98 -21.99 -3.88
CA ASP B 223 -19.61 -22.92 -4.81
C ASP B 223 -20.02 -22.25 -6.12
N TYR B 224 -20.71 -21.11 -6.02
CA TYR B 224 -21.13 -20.39 -7.23
C TYR B 224 -19.95 -19.94 -8.08
N VAL B 225 -18.96 -19.33 -7.43
CA VAL B 225 -17.81 -18.75 -8.12
C VAL B 225 -17.00 -19.83 -8.85
N MET B 226 -16.67 -20.92 -8.17
CA MET B 226 -15.91 -22.01 -8.78
C MET B 226 -16.64 -22.60 -9.99
N ASN B 227 -17.94 -22.81 -9.83
CA ASN B 227 -18.78 -23.31 -10.92
C ASN B 227 -18.95 -22.31 -12.06
N TYR B 228 -18.95 -21.02 -11.74
CA TYR B 228 -18.99 -19.99 -12.78
C TYR B 228 -17.75 -20.09 -13.67
N TRP B 229 -16.58 -20.20 -13.04
CA TRP B 229 -15.32 -20.36 -13.75
C TRP B 229 -15.30 -21.63 -14.61
N LYS B 230 -15.78 -22.74 -14.04
CA LYS B 230 -15.84 -24.00 -14.79
C LYS B 230 -16.81 -23.92 -15.97
N ASP B 231 -18.03 -23.47 -15.70
CA ASP B 231 -19.08 -23.36 -16.72
C ASP B 231 -18.69 -22.45 -17.88
N ASN B 232 -17.83 -21.47 -17.60
CA ASN B 232 -17.47 -20.48 -18.61
C ASN B 232 -16.08 -20.65 -19.25
N GLY B 233 -15.46 -21.82 -19.06
CA GLY B 233 -14.29 -22.18 -19.87
C GLY B 233 -13.08 -22.81 -19.20
N ALA B 234 -13.00 -22.71 -17.87
CA ALA B 234 -11.83 -23.21 -17.16
C ALA B 234 -11.98 -24.69 -16.83
N PRO B 235 -11.02 -25.51 -17.30
CA PRO B 235 -11.04 -26.93 -16.96
C PRO B 235 -10.96 -27.13 -15.44
N ALA B 236 -11.79 -28.03 -14.92
CA ALA B 236 -11.85 -28.31 -13.49
C ALA B 236 -10.47 -28.59 -12.90
N GLU B 237 -9.66 -29.35 -13.64
CA GLU B 237 -8.31 -29.74 -13.21
C GLU B 237 -7.32 -28.58 -13.04
N LYS B 238 -7.59 -27.46 -13.73
CA LYS B 238 -6.75 -26.28 -13.62
C LYS B 238 -7.25 -25.30 -12.55
N LEU B 239 -8.49 -25.52 -12.12
CA LEU B 239 -9.12 -24.62 -11.15
C LEU B 239 -8.68 -24.96 -9.73
N ILE B 240 -8.17 -23.94 -9.05
CA ILE B 240 -7.65 -24.07 -7.70
C ILE B 240 -8.49 -23.18 -6.76
N VAL B 241 -9.12 -23.80 -5.77
CA VAL B 241 -10.03 -23.12 -4.84
C VAL B 241 -9.26 -22.30 -3.80
N GLY B 242 -9.66 -21.04 -3.61
CA GLY B 242 -9.02 -20.16 -2.62
C GLY B 242 -9.50 -20.39 -1.20
N PHE B 243 -8.55 -20.57 -0.28
CA PHE B 243 -8.82 -20.80 1.14
C PHE B 243 -8.14 -19.71 1.98
N PRO B 244 -8.92 -18.95 2.77
CA PRO B 244 -8.34 -17.91 3.62
C PRO B 244 -7.98 -18.37 5.04
N THR B 245 -6.74 -18.11 5.45
CA THR B 245 -6.33 -18.34 6.84
C THR B 245 -6.44 -17.05 7.67
N TYR B 246 -7.47 -16.27 7.36
CA TYR B 246 -7.79 -15.03 8.06
C TYR B 246 -9.30 -14.84 7.98
N GLY B 247 -9.82 -13.91 8.77
CA GLY B 247 -11.23 -13.53 8.71
C GLY B 247 -11.40 -12.03 8.57
N HIS B 248 -12.62 -11.61 8.28
CA HIS B 248 -12.97 -10.19 8.28
C HIS B 248 -13.80 -9.88 9.52
N ASN B 249 -13.47 -8.78 10.19
CA ASN B 249 -14.24 -8.34 11.34
C ASN B 249 -15.01 -7.04 11.08
N PHE B 250 -15.99 -6.80 11.95
CA PHE B 250 -16.98 -5.75 11.76
C PHE B 250 -17.27 -5.12 13.11
N ILE B 251 -17.65 -3.84 13.10
CA ILE B 251 -18.25 -3.22 14.28
C ILE B 251 -19.77 -3.35 14.18
N LEU B 252 -20.36 -4.09 15.10
CA LEU B 252 -21.80 -4.25 15.17
C LEU B 252 -22.51 -2.96 15.57
N SER B 253 -23.58 -2.62 14.86
CA SER B 253 -24.41 -1.46 15.19
C SER B 253 -25.20 -1.71 16.47
N ASN B 254 -25.55 -2.97 16.70
CA ASN B 254 -26.24 -3.41 17.90
C ASN B 254 -25.65 -4.73 18.38
N PRO B 255 -24.99 -4.71 19.57
CA PRO B 255 -24.36 -5.90 20.15
C PRO B 255 -25.34 -7.05 20.41
N SER B 256 -26.63 -6.74 20.43
CA SER B 256 -27.68 -7.75 20.60
C SER B 256 -28.05 -8.44 19.29
N ASN B 257 -27.66 -7.83 18.17
CA ASN B 257 -27.92 -8.36 16.84
C ASN B 257 -26.63 -8.91 16.22
N THR B 258 -26.51 -10.24 16.22
CA THR B 258 -25.22 -10.89 15.94
C THR B 258 -25.27 -11.97 14.86
N GLY B 259 -26.36 -12.03 14.10
CA GLY B 259 -26.50 -13.02 13.05
C GLY B 259 -25.90 -12.56 11.73
N ILE B 260 -26.00 -13.41 10.72
CA ILE B 260 -25.61 -13.05 9.35
C ILE B 260 -26.58 -11.99 8.82
N GLY B 261 -26.04 -10.87 8.36
CA GLY B 261 -26.84 -9.77 7.83
C GLY B 261 -27.20 -8.72 8.88
N ALA B 262 -26.60 -8.83 10.06
CA ALA B 262 -26.78 -7.83 11.11
C ALA B 262 -26.11 -6.51 10.72
N PRO B 263 -26.77 -5.37 11.00
CA PRO B 263 -26.20 -4.06 10.65
C PRO B 263 -24.85 -3.80 11.32
N THR B 264 -23.93 -3.21 10.56
CA THR B 264 -22.60 -2.86 11.05
C THR B 264 -22.29 -1.40 10.75
N SER B 265 -21.36 -0.83 11.51
CA SER B 265 -21.03 0.59 11.40
C SER B 265 -19.63 0.86 10.82
N GLY B 266 -18.91 -0.21 10.51
CA GLY B 266 -17.57 -0.07 9.93
C GLY B 266 -16.70 -1.31 10.10
N ALA B 267 -15.47 -1.20 9.62
CA ALA B 267 -14.48 -2.29 9.73
C ALA B 267 -14.11 -2.53 11.18
N GLY B 268 -13.91 -3.79 11.53
CA GLY B 268 -13.51 -4.17 12.87
C GLY B 268 -12.05 -3.79 13.15
N PRO B 269 -11.63 -3.89 14.42
CA PRO B 269 -10.30 -3.42 14.80
C PRO B 269 -9.15 -4.23 14.22
N ALA B 270 -8.05 -3.55 13.91
CA ALA B 270 -6.82 -4.21 13.51
C ALA B 270 -6.34 -5.12 14.63
N GLY B 271 -5.77 -6.27 14.26
CA GLY B 271 -5.17 -7.18 15.22
C GLY B 271 -3.82 -6.67 15.69
N PRO B 272 -3.35 -7.14 16.86
CA PRO B 272 -2.10 -6.65 17.44
C PRO B 272 -0.83 -7.15 16.73
N TYR B 273 -0.98 -8.12 15.83
CA TYR B 273 0.16 -8.68 15.10
C TYR B 273 0.20 -8.29 13.63
N ALA B 274 -0.89 -8.50 12.91
CA ALA B 274 -0.96 -8.20 11.49
C ALA B 274 -1.26 -6.73 11.21
N LYS B 275 -1.86 -6.05 12.20
CA LYS B 275 -2.15 -4.60 12.13
C LYS B 275 -3.01 -4.22 10.93
N GLU B 276 -3.96 -5.07 10.57
CA GLU B 276 -4.80 -4.86 9.39
C GLU B 276 -6.23 -4.49 9.78
N SER B 277 -6.65 -3.28 9.40
CA SER B 277 -8.04 -2.85 9.55
C SER B 277 -8.95 -3.88 8.93
N GLY B 278 -9.97 -4.31 9.68
CA GLY B 278 -11.00 -5.19 9.15
C GLY B 278 -10.60 -6.64 8.90
N ILE B 279 -9.37 -7.00 9.27
CA ILE B 279 -8.86 -8.36 9.06
C ILE B 279 -8.16 -8.88 10.32
N TRP B 280 -8.49 -10.11 10.71
CA TRP B 280 -7.70 -10.82 11.72
C TRP B 280 -7.14 -12.11 11.14
N ALA B 281 -5.84 -12.32 11.31
CA ALA B 281 -5.21 -13.60 10.99
C ALA B 281 -5.87 -14.68 11.83
N TYR B 282 -5.83 -15.93 11.35
CA TYR B 282 -6.43 -17.02 12.10
C TYR B 282 -5.90 -17.09 13.53
N TYR B 283 -4.59 -16.93 13.69
CA TYR B 283 -4.00 -16.95 15.04
C TYR B 283 -4.49 -15.80 15.93
N GLU B 284 -4.76 -14.65 15.32
CA GLU B 284 -5.36 -13.51 16.02
C GLU B 284 -6.80 -13.83 16.45
N ILE B 285 -7.54 -14.51 15.58
CA ILE B 285 -8.90 -14.97 15.92
C ILE B 285 -8.88 -15.95 17.08
N CYS B 286 -7.87 -16.82 17.11
CA CYS B 286 -7.73 -17.76 18.22
C CYS B 286 -7.59 -17.08 19.59
N THR B 287 -6.92 -15.93 19.63
CA THR B 287 -6.85 -15.11 20.85
C THR B 287 -8.25 -14.66 21.27
N PHE B 288 -9.01 -14.13 20.31
CA PHE B 288 -10.40 -13.74 20.47
C PHE B 288 -11.22 -14.88 21.10
N LEU B 289 -11.06 -16.09 20.55
CA LEU B 289 -11.81 -17.27 21.03
C LEU B 289 -11.35 -17.70 22.43
N LYS B 290 -10.04 -17.77 22.62
CA LYS B 290 -9.43 -18.15 23.90
C LYS B 290 -9.96 -17.33 25.07
N ASN B 291 -10.17 -16.04 24.82
CA ASN B 291 -10.52 -15.10 25.88
C ASN B 291 -12.01 -14.82 26.02
N GLY B 292 -12.84 -15.72 25.47
CA GLY B 292 -14.25 -15.77 25.80
C GLY B 292 -15.25 -15.27 24.78
N ALA B 293 -14.81 -15.00 23.55
CA ALA B 293 -15.73 -14.61 22.49
C ALA B 293 -16.80 -15.67 22.29
N THR B 294 -18.02 -15.23 21.99
CA THR B 294 -19.13 -16.14 21.76
C THR B 294 -18.98 -16.75 20.38
N GLN B 295 -19.05 -18.07 20.31
CA GLN B 295 -18.87 -18.78 19.05
C GLN B 295 -20.19 -19.08 18.37
N GLY B 296 -20.22 -18.86 17.06
CA GLY B 296 -21.38 -19.19 16.24
C GLY B 296 -20.99 -20.10 15.09
N TRP B 297 -21.96 -20.85 14.59
CA TRP B 297 -21.78 -21.64 13.37
C TRP B 297 -22.87 -21.29 12.37
N ASP B 298 -22.43 -20.88 11.18
CA ASP B 298 -23.29 -20.54 10.06
C ASP B 298 -23.49 -21.81 9.25
N ALA B 299 -24.52 -22.58 9.60
CA ALA B 299 -24.74 -23.91 9.01
C ALA B 299 -24.99 -23.91 7.50
N PRO B 300 -25.87 -23.03 7.00
CA PRO B 300 -26.12 -23.01 5.55
C PRO B 300 -24.84 -22.80 4.73
N GLN B 301 -23.90 -22.06 5.30
CA GLN B 301 -22.67 -21.67 4.59
C GLN B 301 -21.42 -22.43 5.02
N GLU B 302 -21.56 -23.27 6.05
CA GLU B 302 -20.50 -24.16 6.56
C GLU B 302 -19.23 -23.43 7.04
N VAL B 303 -19.44 -22.29 7.69
CA VAL B 303 -18.32 -21.48 8.22
C VAL B 303 -18.64 -20.94 9.60
N PRO B 304 -17.61 -20.76 10.44
CA PRO B 304 -17.84 -20.22 11.78
C PRO B 304 -17.91 -18.70 11.81
N TYR B 305 -18.49 -18.16 12.88
CA TYR B 305 -18.33 -16.76 13.21
C TYR B 305 -18.21 -16.61 14.72
N ALA B 306 -17.75 -15.45 15.17
CA ALA B 306 -17.55 -15.19 16.58
C ALA B 306 -17.80 -13.73 16.88
N TYR B 307 -18.27 -13.44 18.08
CA TYR B 307 -18.57 -12.06 18.46
C TYR B 307 -18.38 -11.83 19.95
N GLN B 308 -18.09 -10.57 20.29
CA GLN B 308 -17.91 -10.14 21.67
C GLN B 308 -17.99 -8.63 21.69
N GLY B 309 -18.81 -8.09 22.59
CA GLY B 309 -19.06 -6.65 22.62
C GLY B 309 -19.58 -6.19 21.26
N ASN B 310 -18.97 -5.15 20.71
CA ASN B 310 -19.36 -4.63 19.40
C ASN B 310 -18.55 -5.22 18.22
N VAL B 311 -17.81 -6.29 18.47
CA VAL B 311 -16.96 -6.88 17.44
C VAL B 311 -17.51 -8.24 16.96
N TRP B 312 -17.57 -8.40 15.65
CA TRP B 312 -18.06 -9.62 14.99
C TRP B 312 -17.04 -10.01 13.93
N VAL B 313 -16.70 -11.30 13.89
CA VAL B 313 -15.73 -11.81 12.91
C VAL B 313 -16.30 -13.03 12.16
N GLY B 314 -16.21 -12.97 10.84
CA GLY B 314 -16.54 -14.11 9.97
C GLY B 314 -15.25 -14.70 9.46
N TYR B 315 -15.07 -16.00 9.64
CA TYR B 315 -13.77 -16.61 9.38
C TYR B 315 -13.84 -18.09 8.99
N ASP B 316 -12.69 -18.75 8.98
CA ASP B 316 -12.59 -20.17 8.71
C ASP B 316 -11.79 -20.86 9.80
N ASN B 317 -12.20 -22.07 10.13
CA ASN B 317 -11.46 -22.87 11.11
C ASN B 317 -11.16 -24.28 10.58
N VAL B 318 -10.71 -25.17 11.45
CA VAL B 318 -10.38 -26.53 11.04
C VAL B 318 -11.60 -27.22 10.43
N LYS B 319 -12.75 -27.06 11.08
CA LYS B 319 -14.00 -27.69 10.63
C LYS B 319 -14.43 -27.22 9.23
N SER B 320 -14.39 -25.91 9.00
CA SER B 320 -14.83 -25.34 7.73
C SER B 320 -13.87 -25.66 6.59
N PHE B 321 -12.56 -25.65 6.90
CA PHE B 321 -11.53 -26.04 5.93
C PHE B 321 -11.72 -27.49 5.49
N ASP B 322 -12.02 -28.35 6.45
CA ASP B 322 -12.25 -29.77 6.17
C ASP B 322 -13.48 -29.96 5.27
N ILE B 323 -14.58 -29.30 5.62
CA ILE B 323 -15.82 -29.37 4.85
C ILE B 323 -15.60 -28.91 3.40
N LYS B 324 -14.93 -27.78 3.23
CA LYS B 324 -14.61 -27.27 1.90
C LYS B 324 -13.71 -28.20 1.10
N ALA B 325 -12.75 -28.84 1.79
CA ALA B 325 -11.85 -29.80 1.15
C ALA B 325 -12.58 -31.03 0.64
N GLN B 326 -13.54 -31.53 1.42
CA GLN B 326 -14.40 -32.63 0.98
C GLN B 326 -15.22 -32.19 -0.24
N TRP B 327 -15.77 -30.98 -0.18
CA TRP B 327 -16.53 -30.41 -1.28
C TRP B 327 -15.69 -30.31 -2.55
N LEU B 328 -14.48 -29.78 -2.42
CA LEU B 328 -13.50 -29.67 -3.50
C LEU B 328 -13.30 -31.02 -4.19
N LYS B 329 -13.08 -32.06 -3.39
CA LYS B 329 -12.86 -33.41 -3.90
C LYS B 329 -14.08 -33.95 -4.65
N HIS B 330 -15.27 -33.71 -4.09
CA HIS B 330 -16.51 -34.17 -4.70
C HIS B 330 -16.73 -33.53 -6.06
N ASN B 331 -16.30 -32.28 -6.19
CA ASN B 331 -16.41 -31.54 -7.44
C ASN B 331 -15.21 -31.74 -8.38
N LYS B 332 -14.19 -32.43 -7.88
CA LYS B 332 -13.01 -32.83 -8.66
C LYS B 332 -12.22 -31.65 -9.25
N PHE B 333 -12.07 -30.59 -8.46
CA PHE B 333 -11.23 -29.47 -8.83
C PHE B 333 -9.75 -29.83 -8.69
N GLY B 334 -8.88 -28.96 -9.21
CA GLY B 334 -7.44 -29.24 -9.26
C GLY B 334 -6.74 -29.26 -7.91
N GLY B 335 -7.36 -28.59 -6.93
CA GLY B 335 -6.80 -28.51 -5.59
C GLY B 335 -7.14 -27.21 -4.89
N ALA B 336 -6.33 -26.86 -3.90
CA ALA B 336 -6.59 -25.69 -3.06
C ALA B 336 -5.39 -24.76 -3.03
N MET B 337 -5.67 -23.46 -2.96
CA MET B 337 -4.62 -22.48 -2.66
C MET B 337 -4.94 -21.76 -1.36
N VAL B 338 -3.90 -21.29 -0.68
CA VAL B 338 -4.05 -20.71 0.65
C VAL B 338 -3.45 -19.32 0.73
N TRP B 339 -4.27 -18.35 1.13
CA TRP B 339 -3.78 -17.04 1.53
C TRP B 339 -4.04 -16.85 3.02
N ALA B 340 -3.00 -16.82 3.85
CA ALA B 340 -1.60 -17.01 3.46
C ALA B 340 -0.93 -17.86 4.53
N ILE B 341 0.21 -18.45 4.20
CA ILE B 341 0.91 -19.34 5.14
C ILE B 341 1.29 -18.62 6.44
N ASP B 342 1.60 -17.34 6.35
CA ASP B 342 1.99 -16.53 7.49
C ASP B 342 0.82 -16.10 8.39
N LEU B 343 -0.41 -16.39 7.95
CA LEU B 343 -1.61 -16.04 8.70
C LEU B 343 -2.21 -17.23 9.46
N ASP B 344 -1.83 -18.44 9.06
CA ASP B 344 -2.15 -19.67 9.81
C ASP B 344 -1.41 -19.63 11.15
N ASP B 345 -1.83 -20.45 12.11
CA ASP B 345 -1.17 -20.51 13.40
C ASP B 345 0.13 -21.32 13.29
N PHE B 346 1.13 -20.71 12.65
CA PHE B 346 2.39 -21.40 12.35
C PHE B 346 3.21 -21.80 13.57
N THR B 347 3.09 -21.04 14.66
CA THR B 347 3.79 -21.40 15.91
C THR B 347 3.05 -22.47 16.69
N GLY B 348 1.75 -22.60 16.42
CA GLY B 348 0.88 -23.53 17.14
C GLY B 348 0.45 -23.06 18.52
N THR B 349 0.93 -21.89 18.93
CA THR B 349 0.76 -21.39 20.31
C THR B 349 -0.56 -20.62 20.55
N PHE B 350 -1.16 -20.13 19.48
CA PHE B 350 -2.38 -19.32 19.58
C PHE B 350 -3.64 -20.18 19.63
N CYS B 351 -3.73 -21.17 18.74
CA CYS B 351 -4.91 -22.02 18.63
C CYS B 351 -4.75 -23.35 19.36
N ASN B 352 -3.51 -23.76 19.57
CA ASN B 352 -3.18 -25.01 20.27
C ASN B 352 -3.72 -26.26 19.57
N GLN B 353 -3.68 -26.24 18.24
CA GLN B 353 -4.17 -27.34 17.41
C GLN B 353 -3.04 -27.92 16.56
N GLY B 354 -1.81 -27.71 17.00
CA GLY B 354 -0.63 -28.09 16.22
C GLY B 354 -0.18 -26.96 15.32
N LYS B 355 1.03 -27.08 14.79
CA LYS B 355 1.58 -26.06 13.90
C LYS B 355 0.88 -26.12 12.55
N PHE B 356 0.63 -24.93 11.98
CA PHE B 356 -0.11 -24.78 10.72
C PHE B 356 -1.41 -25.61 10.71
N PRO B 357 -2.32 -25.37 11.68
CA PRO B 357 -3.49 -26.25 11.78
C PRO B 357 -4.41 -26.21 10.56
N LEU B 358 -4.59 -25.03 9.96
CA LEU B 358 -5.50 -24.91 8.82
C LEU B 358 -4.93 -25.57 7.56
N ILE B 359 -3.67 -25.27 7.24
CA ILE B 359 -3.03 -25.86 6.06
C ILE B 359 -2.83 -27.38 6.24
N SER B 360 -2.52 -27.80 7.47
CA SER B 360 -2.38 -29.24 7.77
C SER B 360 -3.70 -29.99 7.57
N THR B 361 -4.81 -29.33 7.89
CA THR B 361 -6.15 -29.89 7.67
C THR B 361 -6.38 -30.16 6.17
N LEU B 362 -5.92 -29.24 5.32
CA LEU B 362 -6.05 -29.40 3.87
C LEU B 362 -5.12 -30.49 3.33
N LYS B 363 -3.88 -30.50 3.82
CA LYS B 363 -2.91 -31.54 3.43
C LYS B 363 -3.48 -32.94 3.69
N LYS B 364 -4.05 -33.13 4.88
CA LYS B 364 -4.64 -34.40 5.28
C LYS B 364 -5.88 -34.74 4.44
N ALA B 365 -6.80 -33.79 4.33
CA ALA B 365 -8.07 -34.00 3.61
C ALA B 365 -7.87 -34.26 2.12
N LEU B 366 -6.85 -33.64 1.52
CA LEU B 366 -6.57 -33.80 0.09
C LEU B 366 -5.69 -35.02 -0.22
N GLY B 367 -5.41 -35.83 0.80
CA GLY B 367 -4.66 -37.07 0.62
C GLY B 367 -3.19 -36.85 0.31
N LEU B 368 -2.64 -35.76 0.82
CA LEU B 368 -1.24 -35.41 0.59
C LEU B 368 -0.36 -35.69 1.81
N GLN B 369 -0.95 -36.28 2.85
CA GLN B 369 -0.24 -36.55 4.10
C GLN B 369 0.96 -37.49 3.92
N SER B 370 0.83 -38.44 2.99
CA SER B 370 1.88 -39.42 2.72
C SER B 370 2.82 -38.99 1.59
N ALA B 371 2.68 -37.73 1.13
CA ALA B 371 3.48 -37.19 0.03
C ALA B 371 4.97 -37.14 0.35
N SER B 372 5.80 -37.20 -0.68
CA SER B 372 7.25 -37.22 -0.52
C SER B 372 7.80 -35.86 -0.11
N CYS B 373 8.67 -35.88 0.89
CA CYS B 373 9.38 -34.69 1.36
C CYS B 373 10.69 -35.08 2.02
#